data_4I75
#
_entry.id   4I75
#
_cell.length_a   70.700
_cell.length_b   134.890
_cell.length_c   60.990
_cell.angle_alpha   90.000
_cell.angle_beta   90.000
_cell.angle_gamma   90.000
#
_symmetry.space_group_name_H-M   'P 21 21 2'
#
loop_
_entity.id
_entity.type
_entity.pdbx_description
1 polymer 'Inosine-adenosine-guanosine-nucleoside hydrolase'
2 non-polymer 'CALCIUM ION'
3 non-polymer 'NICKEL (II) ION'
4 non-polymer 2-AMINO-2-HYDROXYMETHYL-PROPANE-1,3-DIOL
5 water water
#
_entity_poly.entity_id   1
_entity_poly.type   'polypeptide(L)'
_entity_poly.pdbx_seq_one_letter_code
;GSHMAKTVILDHDGNKDDFVAMILLLSNPKKVNLIGCICTDADCFVENGFDVTGKIMCAMHRLIKTPLFPIGKSTATAVN
AFPTEWRFSAKNLDDMPFLNIVEDVALWEKLKPENEAHNGQQLLADLVMKSKEKVTVCVTGPLSNMAWCIEKYGEAFTSK
VEECVIMGGAVDVGGNVFLPTTDGSAEWNIYWDPPAAKKVLCCPNIRCVLFSLDATNTVPVRSVDVKGFGAQNQYLLSQM
VGTMWAMSTHEEILRDGDAYYAWDALTAAYILEPTIATLEPVALDVDVSKGKSEGRTPRASGEGKPCVHVARNPSKQMFH
DLVFASTRVC
;
_entity_poly.pdbx_strand_id   A,B
#
# COMPACT_ATOMS: atom_id res chain seq x y z
N GLY A 1 -21.08 -0.99 37.51
CA GLY A 1 -20.97 -2.47 37.62
C GLY A 1 -20.74 -3.10 36.26
N SER A 2 -20.92 -2.30 35.23
CA SER A 2 -20.63 -2.71 33.85
C SER A 2 -20.70 -1.51 32.90
N HIS A 3 -20.85 -0.31 33.46
CA HIS A 3 -21.22 0.88 32.75
C HIS A 3 -20.10 1.88 32.62
N MET A 4 -18.95 1.51 33.16
CA MET A 4 -17.83 2.43 33.16
CA MET A 4 -17.79 2.40 33.20
C MET A 4 -16.83 1.96 32.10
N ALA A 5 -16.25 2.92 31.42
CA ALA A 5 -15.19 2.64 30.46
C ALA A 5 -13.91 2.29 31.22
N LYS A 6 -13.10 1.40 30.67
CA LYS A 6 -11.75 1.14 31.16
C LYS A 6 -10.79 2.26 30.77
N THR A 7 -9.93 2.67 31.71
CA THR A 7 -8.82 3.61 31.40
C THR A 7 -7.65 2.86 30.77
N VAL A 8 -7.28 3.29 29.56
CA VAL A 8 -6.30 2.56 28.72
C VAL A 8 -5.19 3.48 28.21
N ILE A 9 -3.96 2.95 28.14
CA ILE A 9 -2.84 3.55 27.42
C ILE A 9 -2.38 2.52 26.39
N LEU A 10 -2.12 2.98 25.16
CA LEU A 10 -1.56 2.20 24.07
C LEU A 10 -0.09 2.45 23.95
N ASP A 11 0.70 1.38 24.13
CA ASP A 11 2.16 1.42 24.07
C ASP A 11 2.51 0.61 22.79
N HIS A 12 2.77 1.32 21.69
CA HIS A 12 2.82 0.69 20.34
C HIS A 12 4.12 1.02 19.59
N ASP A 13 4.37 0.32 18.49
CA ASP A 13 5.50 0.62 17.65
C ASP A 13 5.17 0.81 16.19
N GLY A 14 3.99 1.38 15.94
CA GLY A 14 3.79 2.14 14.70
C GLY A 14 3.64 1.45 13.37
N ASN A 15 3.18 0.19 13.34
CA ASN A 15 2.89 -0.46 12.07
C ASN A 15 1.36 -0.63 11.89
N LYS A 16 0.98 -1.30 10.81
CA LYS A 16 -0.42 -1.38 10.41
C LYS A 16 -1.25 -2.10 11.49
N ASP A 17 -0.71 -3.19 12.02
CA ASP A 17 -1.35 -3.88 13.13
C ASP A 17 -1.53 -2.99 14.38
N ASP A 18 -0.52 -2.20 14.73
CA ASP A 18 -0.63 -1.26 15.86
C ASP A 18 -1.77 -0.23 15.66
N PHE A 19 -1.92 0.26 14.43
CA PHE A 19 -2.94 1.26 14.16
C PHE A 19 -4.34 0.69 14.07
N VAL A 20 -4.49 -0.55 13.65
CA VAL A 20 -5.79 -1.21 13.76
C VAL A 20 -6.17 -1.36 15.22
N ALA A 21 -5.20 -1.76 16.05
CA ALA A 21 -5.42 -1.76 17.52
C ALA A 21 -5.85 -0.39 18.06
N MET A 22 -5.10 0.66 17.69
CA MET A 22 -5.45 2.00 18.07
C MET A 22 -6.88 2.37 17.66
N ILE A 23 -7.27 2.05 16.42
CA ILE A 23 -8.61 2.41 15.95
C ILE A 23 -9.72 1.67 16.73
N LEU A 24 -9.45 0.41 17.01
CA LEU A 24 -10.36 -0.39 17.81
C LEU A 24 -10.62 0.22 19.19
N LEU A 25 -9.57 0.66 19.86
CA LEU A 25 -9.69 1.30 21.20
C LEU A 25 -10.42 2.62 21.06
N LEU A 26 -9.95 3.46 20.17
CA LEU A 26 -10.44 4.84 20.15
C LEU A 26 -11.87 4.97 19.63
N SER A 27 -12.31 4.01 18.78
CA SER A 27 -13.65 4.06 18.18
C SER A 27 -14.77 3.58 19.13
N ASN A 28 -14.38 3.14 20.33
CA ASN A 28 -15.29 2.52 21.28
C ASN A 28 -15.23 3.22 22.68
N PRO A 29 -15.52 4.55 22.74
CA PRO A 29 -15.43 5.34 23.98
C PRO A 29 -16.38 4.87 25.12
N LYS A 30 -17.45 4.18 24.78
CA LYS A 30 -18.32 3.56 25.82
C LYS A 30 -17.51 2.53 26.65
N LYS A 31 -16.58 1.84 26.00
CA LYS A 31 -15.80 0.79 26.69
C LYS A 31 -14.39 1.21 27.13
N VAL A 32 -13.82 2.18 26.42
CA VAL A 32 -12.41 2.53 26.53
C VAL A 32 -12.20 4.04 26.56
N ASN A 33 -11.58 4.48 27.63
CA ASN A 33 -11.11 5.88 27.76
C ASN A 33 -9.59 5.86 27.50
N LEU A 34 -9.22 6.27 26.26
CA LEU A 34 -7.81 6.28 25.83
C LEU A 34 -7.16 7.57 26.34
N ILE A 35 -6.27 7.44 27.31
CA ILE A 35 -5.63 8.60 27.98
C ILE A 35 -4.21 8.95 27.53
N GLY A 36 -3.64 8.12 26.67
CA GLY A 36 -2.31 8.38 26.10
C GLY A 36 -1.92 7.30 25.16
N CYS A 37 -0.96 7.64 24.31
CA CYS A 37 -0.25 6.69 23.44
C CYS A 37 1.26 6.93 23.54
N ILE A 38 2.02 5.82 23.52
CA ILE A 38 3.49 5.84 23.48
C ILE A 38 3.90 5.17 22.17
N CYS A 39 4.85 5.74 21.44
CA CYS A 39 5.38 5.12 20.23
C CYS A 39 6.88 4.83 20.35
N THR A 40 7.26 3.60 19.98
CA THR A 40 8.65 3.13 20.05
C THR A 40 9.23 2.82 18.64
N ASP A 41 10.52 3.11 18.49
CA ASP A 41 11.26 3.05 17.20
C ASP A 41 11.61 1.60 16.85
N ALA A 42 10.63 0.73 16.89
CA ALA A 42 10.87 -0.71 16.69
C ALA A 42 10.40 -1.16 15.28
N ASP A 43 9.10 -1.55 15.11
CA ASP A 43 8.49 -1.87 13.78
C ASP A 43 8.08 -0.63 12.96
N CYS A 44 8.80 0.48 13.17
CA CYS A 44 8.62 1.77 12.48
C CYS A 44 9.88 2.59 12.67
N PHE A 45 9.90 3.75 12.00
CA PHE A 45 10.73 4.83 12.39
C PHE A 45 9.81 5.76 13.21
N VAL A 46 10.28 6.03 14.42
CA VAL A 46 9.47 6.66 15.46
C VAL A 46 8.83 7.98 15.02
N GLU A 47 9.51 8.78 14.21
CA GLU A 47 8.93 10.05 13.79
C GLU A 47 7.63 9.84 12.95
N ASN A 48 7.66 8.85 12.10
CA ASN A 48 6.48 8.50 11.28
C ASN A 48 5.40 7.89 12.11
N GLY A 49 5.74 7.00 13.02
CA GLY A 49 4.75 6.37 13.88
C GLY A 49 4.05 7.42 14.76
N PHE A 50 4.82 8.38 15.25
CA PHE A 50 4.31 9.54 16.03
C PHE A 50 3.28 10.34 15.21
N ASP A 51 3.63 10.69 13.97
CA ASP A 51 2.74 11.53 13.14
C ASP A 51 1.43 10.80 12.85
N VAL A 52 1.49 9.49 12.53
CA VAL A 52 0.25 8.70 12.21
C VAL A 52 -0.66 8.63 13.46
N THR A 53 -0.06 8.43 14.65
CA THR A 53 -0.78 8.42 15.91
C THR A 53 -1.55 9.72 16.06
N GLY A 54 -0.85 10.82 15.82
CA GLY A 54 -1.44 12.14 15.99
C GLY A 54 -2.57 12.38 15.02
N LYS A 55 -2.41 12.00 13.73
CA LYS A 55 -3.49 12.17 12.73
C LYS A 55 -4.75 11.38 13.08
N ILE A 56 -4.56 10.12 13.46
CA ILE A 56 -5.70 9.29 13.86
C ILE A 56 -6.43 9.93 15.09
N MET A 57 -5.68 10.36 16.11
CA MET A 57 -6.26 11.05 17.26
C MET A 57 -7.11 12.27 16.86
N CYS A 58 -6.53 13.08 15.96
CA CYS A 58 -7.20 14.29 15.50
C CYS A 58 -8.44 13.95 14.67
N ALA A 59 -8.35 12.94 13.79
CA ALA A 59 -9.50 12.56 12.98
C ALA A 59 -10.67 12.10 13.85
N MET A 60 -10.37 11.32 14.88
CA MET A 60 -11.45 10.80 15.73
C MET A 60 -12.05 11.87 16.60
N HIS A 61 -11.17 12.76 17.08
CA HIS A 61 -11.63 13.93 17.82
C HIS A 61 -12.64 14.77 16.98
N ARG A 62 -12.32 15.00 15.70
CA ARG A 62 -13.20 15.73 14.79
C ARG A 62 -14.53 15.02 14.55
N LEU A 63 -14.48 13.72 14.33
CA LEU A 63 -15.63 12.96 13.78
C LEU A 63 -16.58 12.49 14.85
N ILE A 64 -16.02 11.93 15.92
CA ILE A 64 -16.82 11.45 17.08
C ILE A 64 -16.53 12.10 18.46
N LYS A 65 -15.74 13.16 18.50
CA LYS A 65 -15.56 13.96 19.70
C LYS A 65 -14.91 13.15 20.85
N THR A 66 -14.11 12.15 20.52
CA THR A 66 -13.24 11.52 21.52
C THR A 66 -12.19 12.53 21.98
N PRO A 67 -11.82 12.45 23.25
CA PRO A 67 -10.82 13.40 23.74
C PRO A 67 -9.48 13.28 23.07
N LEU A 68 -8.79 14.41 23.01
CA LEU A 68 -7.36 14.46 22.68
C LEU A 68 -6.58 13.91 23.88
N PHE A 69 -5.34 13.51 23.64
CA PHE A 69 -4.49 12.91 24.67
C PHE A 69 -3.04 13.12 24.37
N PRO A 70 -2.18 13.05 25.40
CA PRO A 70 -0.76 13.14 25.13
C PRO A 70 -0.21 11.92 24.37
N ILE A 71 0.77 12.19 23.51
CA ILE A 71 1.44 11.18 22.76
C ILE A 71 2.94 11.42 22.99
N GLY A 72 3.70 10.35 23.24
CA GLY A 72 5.12 10.53 23.52
C GLY A 72 5.97 9.53 22.74
N LYS A 73 7.07 10.01 22.18
CA LYS A 73 8.08 9.16 21.54
C LYS A 73 9.05 8.64 22.59
N SER A 74 9.05 7.33 22.75
CA SER A 74 10.03 6.61 23.57
C SER A 74 11.42 6.76 23.00
N THR A 75 12.39 6.85 23.91
CA THR A 75 13.81 6.85 23.49
C THR A 75 14.47 5.47 23.69
N ALA A 76 13.67 4.45 24.01
CA ALA A 76 14.14 3.09 24.05
C ALA A 76 14.87 2.71 22.75
N THR A 77 16.01 2.04 22.90
CA THR A 77 16.84 1.62 21.76
C THR A 77 16.80 0.07 21.66
N ALA A 78 16.87 -0.47 20.43
CA ALA A 78 16.78 -1.90 20.20
C ALA A 78 17.97 -2.69 20.75
N VAL A 79 17.72 -3.91 21.23
CA VAL A 79 18.80 -4.89 21.37
C VAL A 79 19.07 -5.54 19.98
N ASN A 80 17.99 -5.88 19.29
CA ASN A 80 17.97 -6.46 17.93
C ASN A 80 16.91 -5.72 17.10
N ALA A 81 17.34 -5.03 16.04
CA ALA A 81 16.41 -4.21 15.26
C ALA A 81 15.52 -5.03 14.36
N PHE A 82 14.32 -4.51 14.12
CA PHE A 82 13.43 -5.06 13.14
C PHE A 82 14.04 -4.93 11.75
N PRO A 83 13.67 -5.83 10.86
CA PRO A 83 14.23 -5.70 9.53
C PRO A 83 13.90 -4.34 8.90
N THR A 84 14.93 -3.73 8.31
CA THR A 84 14.83 -2.36 7.84
C THR A 84 13.62 -2.14 6.91
N GLU A 85 13.43 -3.10 5.99
CA GLU A 85 12.37 -3.02 4.98
CA GLU A 85 12.35 -3.09 4.97
C GLU A 85 10.98 -2.94 5.59
N TRP A 86 10.81 -3.53 6.77
CA TRP A 86 9.51 -3.56 7.39
C TRP A 86 9.12 -2.21 8.04
N ARG A 87 10.11 -1.38 8.36
CA ARG A 87 9.93 -0.23 9.23
C ARG A 87 9.45 1.03 8.52
N PHE A 88 9.36 0.99 7.19
CA PHE A 88 8.93 2.14 6.39
C PHE A 88 7.39 2.30 6.26
N SER A 89 6.63 1.39 6.87
CA SER A 89 5.16 1.40 6.70
C SER A 89 4.49 2.67 7.18
N ALA A 90 4.92 3.18 8.34
CA ALA A 90 4.27 4.38 8.92
C ALA A 90 4.53 5.58 8.02
N LYS A 91 5.74 5.64 7.41
CA LYS A 91 6.03 6.69 6.42
C LYS A 91 5.04 6.63 5.25
N ASN A 92 4.78 5.42 4.76
CA ASN A 92 3.85 5.19 3.67
C ASN A 92 2.43 5.57 4.10
N LEU A 93 2.02 5.16 5.30
CA LEU A 93 0.69 5.53 5.80
C LEU A 93 0.49 7.05 5.91
N ASP A 94 1.53 7.77 6.33
CA ASP A 94 1.39 9.25 6.48
C ASP A 94 1.21 10.00 5.13
N ASP A 95 1.44 9.31 3.99
CA ASP A 95 1.11 9.86 2.65
C ASP A 95 -0.30 9.53 2.14
N MET A 96 -1.03 8.66 2.84
CA MET A 96 -2.33 8.17 2.37
C MET A 96 -3.40 9.26 2.45
N PRO A 97 -4.33 9.30 1.50
CA PRO A 97 -5.31 10.44 1.55
C PRO A 97 -6.14 10.53 2.84
N PHE A 98 -6.48 9.38 3.42
CA PHE A 98 -7.31 9.31 4.65
C PHE A 98 -6.58 9.82 5.87
N LEU A 99 -5.25 9.97 5.77
CA LEU A 99 -4.47 10.58 6.86
C LEU A 99 -3.99 12.02 6.53
N ASN A 100 -4.56 12.63 5.49
CA ASN A 100 -4.20 13.99 5.10
C ASN A 100 -5.44 14.86 4.90
N ILE A 101 -6.51 14.50 5.58
CA ILE A 101 -7.73 15.33 5.54
C ILE A 101 -7.31 16.69 6.12
N VAL A 102 -7.68 17.77 5.47
CA VAL A 102 -7.05 19.07 5.74
C VAL A 102 -7.26 19.55 7.21
N GLU A 103 -8.44 19.28 7.77
CA GLU A 103 -8.65 19.63 9.16
C GLU A 103 -7.76 18.83 10.10
N ASP A 104 -7.49 17.57 9.79
CA ASP A 104 -6.67 16.74 10.65
C ASP A 104 -5.18 17.18 10.63
N VAL A 105 -4.72 17.53 9.44
CA VAL A 105 -3.37 18.08 9.27
C VAL A 105 -3.19 19.40 10.07
N ALA A 106 -4.17 20.28 9.99
CA ALA A 106 -4.16 21.56 10.65
C ALA A 106 -4.14 21.40 12.17
N LEU A 107 -5.00 20.55 12.71
CA LEU A 107 -5.01 20.34 14.16
C LEU A 107 -3.74 19.63 14.63
N TRP A 108 -3.30 18.58 13.94
CA TRP A 108 -2.06 17.90 14.35
C TRP A 108 -0.85 18.81 14.29
N GLU A 109 -0.71 19.61 13.25
CA GLU A 109 0.41 20.58 13.21
C GLU A 109 0.44 21.49 14.45
N LYS A 110 -0.76 21.89 14.90
CA LYS A 110 -0.86 22.71 16.11
C LYS A 110 -0.42 21.97 17.39
N LEU A 111 -0.85 20.72 17.54
CA LEU A 111 -0.64 19.89 18.75
C LEU A 111 0.70 19.18 18.77
N LYS A 112 1.31 19.03 17.62
CA LYS A 112 2.58 18.27 17.57
C LYS A 112 3.68 18.80 18.51
N PRO A 113 4.00 20.11 18.48
CA PRO A 113 5.07 20.62 19.33
C PRO A 113 4.92 20.33 20.82
N GLU A 114 3.72 20.46 21.39
CA GLU A 114 3.54 20.14 22.81
C GLU A 114 3.83 18.67 23.10
N ASN A 115 3.48 17.79 22.16
CA ASN A 115 3.74 16.35 22.30
C ASN A 115 5.20 15.94 22.04
N GLU A 116 5.88 16.71 21.21
CA GLU A 116 7.32 16.54 20.96
C GLU A 116 8.19 16.58 22.22
N ALA A 117 7.78 17.40 23.17
CA ALA A 117 8.46 17.59 24.45
C ALA A 117 8.39 16.34 25.34
N HIS A 118 7.42 15.45 25.11
CA HIS A 118 7.26 14.28 25.98
C HIS A 118 8.37 13.26 25.78
N ASN A 119 8.88 12.72 26.88
CA ASN A 119 9.64 11.49 26.80
C ASN A 119 8.66 10.34 27.00
N GLY A 120 8.66 9.36 26.08
CA GLY A 120 7.68 8.29 26.06
C GLY A 120 7.64 7.45 27.32
N GLN A 121 8.81 7.02 27.77
CA GLN A 121 8.86 6.24 29.00
C GLN A 121 8.29 7.01 30.16
N GLN A 122 8.75 8.23 30.36
CA GLN A 122 8.28 9.05 31.50
C GLN A 122 6.77 9.37 31.40
N LEU A 123 6.26 9.58 30.17
CA LEU A 123 4.81 9.82 29.97
C LEU A 123 4.01 8.61 30.44
N LEU A 124 4.48 7.41 30.10
CA LEU A 124 3.79 6.20 30.52
C LEU A 124 3.74 6.18 32.01
N ALA A 125 4.89 6.43 32.67
CA ALA A 125 4.96 6.38 34.14
C ALA A 125 4.02 7.41 34.78
N ASP A 126 4.08 8.64 34.25
CA ASP A 126 3.25 9.74 34.73
C ASP A 126 1.73 9.51 34.57
N LEU A 127 1.31 9.05 33.41
CA LEU A 127 -0.12 8.85 33.16
C LEU A 127 -0.68 7.79 34.13
N VAL A 128 0.07 6.71 34.30
CA VAL A 128 -0.36 5.61 35.21
C VAL A 128 -0.43 6.12 36.66
N MET A 129 0.63 6.78 37.10
CA MET A 129 0.79 7.12 38.49
C MET A 129 -0.14 8.29 38.93
N LYS A 130 -0.50 9.19 38.02
CA LYS A 130 -1.46 10.25 38.35
C LYS A 130 -2.92 9.85 38.21
N SER A 131 -3.19 8.71 37.59
CA SER A 131 -4.56 8.30 37.27
C SER A 131 -5.33 7.97 38.54
N LYS A 132 -6.59 8.39 38.58
CA LYS A 132 -7.48 8.07 39.69
C LYS A 132 -7.82 6.57 39.71
N GLU A 133 -8.25 6.04 38.57
CA GLU A 133 -8.53 4.61 38.43
C GLU A 133 -7.26 3.87 38.02
N LYS A 134 -7.23 2.56 38.31
CA LYS A 134 -6.17 1.73 37.75
C LYS A 134 -6.28 1.72 36.23
N VAL A 135 -5.13 1.54 35.59
CA VAL A 135 -4.99 1.66 34.13
C VAL A 135 -4.66 0.33 33.48
N THR A 136 -5.29 0.02 32.34
CA THR A 136 -4.89 -1.10 31.50
C THR A 136 -3.92 -0.61 30.46
N VAL A 137 -2.74 -1.25 30.39
CA VAL A 137 -1.76 -0.92 29.38
C VAL A 137 -1.80 -1.98 28.28
N CYS A 138 -2.04 -1.54 27.04
CA CYS A 138 -2.10 -2.39 25.86
C CYS A 138 -0.74 -2.23 25.18
N VAL A 139 0.03 -3.31 25.16
CA VAL A 139 1.39 -3.28 24.63
C VAL A 139 1.45 -4.06 23.29
N THR A 140 1.65 -3.35 22.18
CA THR A 140 1.67 -3.93 20.86
C THR A 140 3.02 -3.84 20.15
N GLY A 141 3.99 -3.21 20.79
CA GLY A 141 5.40 -3.33 20.43
C GLY A 141 6.16 -4.05 21.55
N PRO A 142 7.49 -3.84 21.63
CA PRO A 142 8.33 -4.49 22.63
C PRO A 142 8.04 -3.99 24.03
N LEU A 143 8.58 -4.70 25.02
CA LEU A 143 8.27 -4.44 26.45
C LEU A 143 9.20 -3.47 27.15
N SER A 144 10.02 -2.71 26.38
CA SER A 144 11.04 -1.82 26.91
C SER A 144 10.50 -0.68 27.78
N ASN A 145 9.37 -0.09 27.40
CA ASN A 145 8.81 1.05 28.15
C ASN A 145 8.21 0.61 29.51
N MET A 146 7.50 -0.52 29.50
CA MET A 146 7.04 -1.10 30.75
C MET A 146 8.20 -1.49 31.69
N ALA A 147 9.27 -2.04 31.12
CA ALA A 147 10.44 -2.44 31.90
C ALA A 147 11.12 -1.24 32.57
N TRP A 148 11.28 -0.18 31.79
CA TRP A 148 11.79 1.10 32.30
C TRP A 148 11.01 1.62 33.47
N CYS A 149 9.67 1.60 33.38
CA CYS A 149 8.82 2.07 34.48
C CYS A 149 8.94 1.23 35.72
N ILE A 150 9.05 -0.08 35.54
CA ILE A 150 9.18 -0.97 36.69
C ILE A 150 10.52 -0.75 37.39
N GLU A 151 11.56 -0.57 36.60
CA GLU A 151 12.93 -0.32 37.10
C GLU A 151 13.05 0.98 37.91
N LYS A 152 12.53 2.07 37.35
CA LYS A 152 12.59 3.38 37.97
C LYS A 152 11.64 3.55 39.16
N TYR A 153 10.41 3.07 39.05
CA TYR A 153 9.36 3.37 40.04
C TYR A 153 8.80 2.20 40.82
N GLY A 154 9.10 0.99 40.36
CA GLY A 154 8.65 -0.25 41.04
C GLY A 154 7.17 -0.28 41.34
N GLU A 155 6.82 -0.58 42.59
CA GLU A 155 5.41 -0.69 42.99
C GLU A 155 4.58 0.56 42.97
N ALA A 156 5.26 1.69 43.02
CA ALA A 156 4.57 2.97 42.89
C ALA A 156 3.88 3.04 41.51
N PHE A 157 4.51 2.43 40.51
CA PHE A 157 3.92 2.25 39.15
C PHE A 157 3.02 1.01 39.05
N THR A 158 3.54 -0.16 39.43
CA THR A 158 2.79 -1.39 39.21
C THR A 158 1.48 -1.42 39.99
N SER A 159 1.43 -0.81 41.16
CA SER A 159 0.19 -0.84 41.99
C SER A 159 -0.99 -0.10 41.35
N LYS A 160 -0.69 0.72 40.33
CA LYS A 160 -1.70 1.47 39.58
C LYS A 160 -2.06 0.85 38.23
N VAL A 161 -1.42 -0.28 37.90
CA VAL A 161 -1.73 -1.03 36.68
C VAL A 161 -2.81 -2.10 36.97
N GLU A 162 -3.88 -2.08 36.20
CA GLU A 162 -4.94 -3.08 36.33
C GLU A 162 -4.49 -4.40 35.75
N GLU A 163 -4.00 -4.31 34.52
CA GLU A 163 -3.37 -5.41 33.82
C GLU A 163 -2.67 -4.91 32.57
N CYS A 164 -1.76 -5.75 32.10
CA CYS A 164 -0.98 -5.48 30.90
C CYS A 164 -1.36 -6.52 29.86
N VAL A 165 -1.89 -6.07 28.72
CA VAL A 165 -2.34 -6.94 27.64
C VAL A 165 -1.33 -6.81 26.50
N ILE A 166 -0.59 -7.90 26.25
CA ILE A 166 0.62 -7.85 25.48
C ILE A 166 0.62 -8.74 24.24
N MET A 167 1.10 -8.19 23.14
CA MET A 167 1.41 -8.97 21.93
CA MET A 167 1.39 -8.98 21.95
C MET A 167 2.85 -9.42 22.00
N GLY A 168 3.05 -10.72 22.14
CA GLY A 168 4.42 -11.21 22.20
C GLY A 168 4.58 -12.67 22.50
N GLY A 169 5.70 -13.21 22.04
CA GLY A 169 6.04 -14.61 22.35
C GLY A 169 5.47 -15.68 21.45
N ALA A 170 5.90 -16.90 21.74
CA ALA A 170 5.47 -18.14 21.14
C ALA A 170 5.78 -19.25 22.12
N VAL A 171 4.74 -19.93 22.63
CA VAL A 171 4.91 -20.82 23.74
C VAL A 171 4.97 -22.26 23.27
N ASP A 172 3.87 -22.75 22.70
CA ASP A 172 3.80 -24.13 22.17
C ASP A 172 3.89 -24.20 20.64
N VAL A 173 4.09 -23.06 19.97
CA VAL A 173 4.27 -23.08 18.52
C VAL A 173 5.61 -22.49 18.18
N GLY A 174 6.02 -22.65 16.94
CA GLY A 174 7.23 -21.98 16.42
C GLY A 174 7.19 -20.46 16.49
N GLY A 175 8.39 -19.86 16.43
CA GLY A 175 8.49 -18.40 16.41
C GLY A 175 8.41 -17.85 14.99
N ASN A 176 8.81 -16.60 14.83
CA ASN A 176 8.80 -15.93 13.54
C ASN A 176 10.02 -15.06 13.26
N VAL A 177 11.07 -15.21 14.07
CA VAL A 177 12.33 -14.45 13.90
C VAL A 177 13.28 -15.35 13.10
N PHE A 178 13.42 -15.10 11.80
CA PHE A 178 14.22 -15.99 10.97
C PHE A 178 15.38 -15.20 10.41
N LEU A 179 16.52 -15.40 11.04
CA LEU A 179 17.81 -14.75 10.69
C LEU A 179 18.93 -15.81 10.65
N PRO A 180 20.04 -15.49 9.99
CA PRO A 180 21.14 -16.46 10.02
C PRO A 180 21.64 -16.82 11.41
N THR A 181 21.46 -15.93 12.38
CA THR A 181 21.93 -16.13 13.74
C THR A 181 20.85 -16.68 14.70
N THR A 182 19.65 -17.01 14.21
CA THR A 182 18.57 -17.52 15.07
C THR A 182 18.04 -18.86 14.59
N ASP A 183 17.27 -19.51 15.45
CA ASP A 183 16.73 -20.86 15.19
C ASP A 183 15.24 -20.89 14.84
N GLY A 184 14.63 -19.72 14.81
CA GLY A 184 13.21 -19.56 14.44
C GLY A 184 12.23 -19.83 15.59
N SER A 185 12.74 -19.96 16.81
CA SER A 185 11.90 -20.26 17.99
C SER A 185 11.35 -18.98 18.67
N ALA A 186 11.95 -17.83 18.37
CA ALA A 186 11.54 -16.54 19.00
C ALA A 186 10.53 -15.74 18.20
N GLU A 187 9.76 -14.93 18.90
CA GLU A 187 8.86 -13.96 18.30
C GLU A 187 9.45 -12.51 18.36
N TRP A 188 9.14 -11.72 17.35
CA TRP A 188 9.75 -10.34 17.15
C TRP A 188 9.71 -9.32 18.29
N ASN A 189 8.54 -9.12 18.90
CA ASN A 189 8.40 -8.18 20.02
C ASN A 189 9.30 -8.50 21.21
N ILE A 190 9.44 -9.79 21.52
CA ILE A 190 10.34 -10.24 22.54
C ILE A 190 11.82 -10.10 22.12
N TYR A 191 12.13 -10.56 20.93
CA TYR A 191 13.48 -10.55 20.36
C TYR A 191 14.10 -9.15 20.27
N TRP A 192 13.25 -8.15 20.03
CA TRP A 192 13.70 -6.75 20.02
C TRP A 192 14.42 -6.33 21.33
N ASP A 193 13.93 -6.80 22.49
CA ASP A 193 14.57 -6.50 23.77
C ASP A 193 14.19 -7.60 24.76
N PRO A 194 14.94 -8.72 24.74
CA PRO A 194 14.61 -9.83 25.64
C PRO A 194 14.70 -9.53 27.11
N PRO A 195 15.76 -8.83 27.60
CA PRO A 195 15.78 -8.54 29.04
C PRO A 195 14.56 -7.71 29.51
N ALA A 196 14.06 -6.80 28.66
CA ALA A 196 12.85 -6.01 29.03
C ALA A 196 11.67 -6.96 29.21
N ALA A 197 11.54 -7.91 28.28
CA ALA A 197 10.43 -8.91 28.32
C ALA A 197 10.52 -9.74 29.58
N LYS A 198 11.73 -10.18 29.92
CA LYS A 198 11.94 -10.95 31.18
C LYS A 198 11.57 -10.16 32.45
N LYS A 199 11.94 -8.88 32.50
CA LYS A 199 11.64 -8.00 33.65
C LYS A 199 10.13 -7.87 33.83
N VAL A 200 9.40 -7.75 32.72
CA VAL A 200 7.97 -7.50 32.84
C VAL A 200 7.20 -8.80 33.12
N LEU A 201 7.44 -9.83 32.29
CA LEU A 201 6.69 -11.06 32.36
C LEU A 201 6.92 -11.82 33.68
N CYS A 202 8.14 -11.72 34.23
CA CYS A 202 8.47 -12.34 35.52
C CYS A 202 8.10 -11.52 36.77
N CYS A 203 7.52 -10.33 36.61
CA CYS A 203 7.19 -9.50 37.78
C CYS A 203 5.86 -9.96 38.38
N PRO A 204 5.89 -10.56 39.60
CA PRO A 204 4.65 -11.01 40.25
C PRO A 204 3.63 -9.93 40.53
N ASN A 205 4.07 -8.65 40.51
CA ASN A 205 3.19 -7.55 40.87
C ASN A 205 2.46 -6.90 39.71
N ILE A 206 2.53 -7.54 38.55
CA ILE A 206 1.81 -7.08 37.37
C ILE A 206 1.14 -8.28 36.70
N ARG A 207 -0.12 -8.13 36.42
CA ARG A 207 -0.86 -9.16 35.74
C ARG A 207 -0.72 -9.03 34.23
N CYS A 208 -0.14 -10.04 33.62
CA CYS A 208 0.11 -10.08 32.20
C CYS A 208 -0.81 -11.03 31.46
N VAL A 209 -1.59 -10.50 30.51
CA VAL A 209 -2.38 -11.26 29.56
C VAL A 209 -1.59 -11.30 28.26
N LEU A 210 -1.19 -12.48 27.81
CA LEU A 210 -0.19 -12.58 26.70
C LEU A 210 -0.83 -13.17 25.45
N PHE A 211 -0.87 -12.35 24.38
CA PHE A 211 -1.28 -12.83 23.05
C PHE A 211 -0.04 -13.21 22.28
N SER A 212 0.27 -14.49 22.30
CA SER A 212 1.48 -15.04 21.64
C SER A 212 1.08 -15.55 20.29
N LEU A 213 2.02 -16.08 19.51
CA LEU A 213 1.71 -16.63 18.19
C LEU A 213 0.72 -17.81 18.26
N ASP A 214 0.74 -18.51 19.39
CA ASP A 214 -0.22 -19.59 19.65
C ASP A 214 -1.64 -19.12 19.35
N ALA A 215 -2.01 -17.96 19.87
CA ALA A 215 -3.34 -17.37 19.62
C ALA A 215 -3.42 -16.64 18.29
N THR A 216 -2.41 -15.83 18.02
CA THR A 216 -2.53 -14.91 16.87
C THR A 216 -2.48 -15.65 15.51
N ASN A 217 -1.73 -16.76 15.44
CA ASN A 217 -1.74 -17.60 14.25
C ASN A 217 -3.05 -18.25 13.87
N THR A 218 -4.06 -18.21 14.74
CA THR A 218 -5.35 -18.77 14.43
C THR A 218 -6.36 -17.74 13.91
N VAL A 219 -5.90 -16.49 13.73
CA VAL A 219 -6.78 -15.39 13.25
C VAL A 219 -6.14 -14.71 12.04
N PRO A 220 -6.12 -15.42 10.90
CA PRO A 220 -5.56 -14.86 9.67
C PRO A 220 -6.50 -13.82 9.09
N VAL A 221 -5.89 -12.86 8.39
CA VAL A 221 -6.60 -11.86 7.60
C VAL A 221 -6.43 -12.26 6.12
N ARG A 222 -7.53 -12.60 5.47
CA ARG A 222 -7.52 -13.07 4.08
C ARG A 222 -8.20 -12.07 3.12
N SER A 223 -7.88 -12.18 1.83
CA SER A 223 -8.48 -11.33 0.79
C SER A 223 -10.02 -11.21 0.92
N VAL A 224 -10.69 -12.35 1.11
CA VAL A 224 -12.17 -12.36 1.19
C VAL A 224 -12.63 -11.45 2.32
N ASP A 225 -11.89 -11.39 3.42
CA ASP A 225 -12.26 -10.51 4.53
C ASP A 225 -11.91 -9.03 4.26
N VAL A 226 -10.74 -8.80 3.69
CA VAL A 226 -10.32 -7.41 3.39
C VAL A 226 -11.31 -6.75 2.42
N LYS A 227 -11.77 -7.52 1.46
CA LYS A 227 -12.70 -6.99 0.42
C LYS A 227 -14.05 -6.58 1.03
N GLY A 228 -14.36 -7.06 2.23
CA GLY A 228 -15.59 -6.63 2.94
C GLY A 228 -15.65 -5.16 3.27
N PHE A 229 -14.51 -4.48 3.35
CA PHE A 229 -14.49 -3.03 3.67
C PHE A 229 -15.06 -2.15 2.55
N GLY A 230 -15.05 -2.65 1.33
CA GLY A 230 -15.63 -1.88 0.21
C GLY A 230 -17.08 -1.46 0.42
N ALA A 231 -17.86 -2.38 1.02
CA ALA A 231 -19.28 -2.13 1.34
C ALA A 231 -19.44 -1.00 2.34
N GLN A 232 -18.36 -0.64 3.05
CA GLN A 232 -18.36 0.41 4.12
C GLN A 232 -17.44 1.57 3.79
N ASN A 233 -17.08 1.72 2.51
CA ASN A 233 -16.07 2.72 2.08
C ASN A 233 -16.46 4.16 2.40
N GLN A 234 -17.76 4.43 2.56
CA GLN A 234 -18.21 5.78 2.97
C GLN A 234 -17.66 6.23 4.32
N TYR A 235 -17.30 5.27 5.19
CA TYR A 235 -16.72 5.55 6.51
C TYR A 235 -15.22 5.62 6.49
N LEU A 236 -14.67 6.72 7.03
CA LEU A 236 -13.23 6.95 7.09
C LEU A 236 -12.47 5.80 7.74
N LEU A 237 -12.98 5.26 8.85
CA LEU A 237 -12.28 4.17 9.50
C LEU A 237 -12.21 2.88 8.64
N SER A 238 -13.22 2.64 7.80
CA SER A 238 -13.24 1.50 6.86
C SER A 238 -12.27 1.73 5.70
N GLN A 239 -12.16 2.96 5.22
CA GLN A 239 -11.09 3.31 4.26
CA GLN A 239 -11.11 3.30 4.24
C GLN A 239 -9.74 2.99 4.87
N MET A 240 -9.52 3.44 6.09
CA MET A 240 -8.26 3.24 6.81
C MET A 240 -7.93 1.77 7.02
N VAL A 241 -8.83 1.05 7.69
CA VAL A 241 -8.52 -0.37 8.02
C VAL A 241 -8.47 -1.24 6.75
N GLY A 242 -9.41 -1.06 5.82
CA GLY A 242 -9.38 -1.76 4.52
C GLY A 242 -8.05 -1.60 3.81
N THR A 243 -7.59 -0.34 3.73
CA THR A 243 -6.32 -0.04 3.09
C THR A 243 -5.16 -0.69 3.82
N MET A 244 -5.14 -0.54 5.13
CA MET A 244 -4.05 -1.11 5.91
C MET A 244 -3.98 -2.64 5.81
N TRP A 245 -5.13 -3.30 5.92
CA TRP A 245 -5.18 -4.76 5.70
C TRP A 245 -4.81 -5.19 4.28
N ALA A 246 -5.26 -4.45 3.28
CA ALA A 246 -4.86 -4.75 1.91
C ALA A 246 -3.31 -4.68 1.78
N MET A 247 -2.72 -3.61 2.31
CA MET A 247 -1.26 -3.45 2.32
C MET A 247 -0.55 -4.60 3.02
N SER A 248 -1.15 -5.08 4.11
CA SER A 248 -0.58 -6.12 4.93
C SER A 248 -0.62 -7.48 4.24
N THR A 249 -1.74 -7.79 3.62
CA THR A 249 -1.84 -9.07 2.93
C THR A 249 -0.80 -9.12 1.80
N HIS A 250 -0.63 -7.99 1.13
CA HIS A 250 0.37 -7.88 0.05
C HIS A 250 1.79 -8.16 0.56
N GLU A 251 2.10 -7.58 1.72
CA GLU A 251 3.43 -7.78 2.38
C GLU A 251 3.69 -9.24 2.60
N GLU A 252 2.71 -9.96 3.12
CA GLU A 252 2.90 -11.40 3.38
C GLU A 252 3.06 -12.23 2.09
N ILE A 253 2.41 -11.83 1.00
CA ILE A 253 2.62 -12.49 -0.28
C ILE A 253 4.09 -12.28 -0.70
N LEU A 254 4.55 -11.04 -0.62
CA LEU A 254 5.92 -10.68 -1.02
C LEU A 254 6.98 -11.33 -0.16
N ARG A 255 6.63 -11.50 1.11
CA ARG A 255 7.55 -12.14 2.08
C ARG A 255 7.36 -13.64 2.26
N ASP A 256 6.47 -14.25 1.49
CA ASP A 256 6.17 -15.68 1.54
C ASP A 256 5.75 -16.19 2.93
N GLY A 257 4.94 -15.38 3.62
CA GLY A 257 4.30 -15.85 4.86
C GLY A 257 3.10 -16.70 4.47
N ASP A 258 2.69 -17.61 5.38
CA ASP A 258 1.50 -18.45 5.19
C ASP A 258 0.27 -17.55 5.07
N ALA A 259 0.27 -16.48 5.87
CA ALA A 259 -0.82 -15.50 5.86
C ALA A 259 -0.40 -14.22 6.58
N TYR A 260 -1.16 -13.15 6.40
CA TYR A 260 -1.12 -12.04 7.36
C TYR A 260 -2.04 -12.41 8.51
N TYR A 261 -1.70 -11.91 9.71
CA TYR A 261 -2.46 -12.22 10.93
C TYR A 261 -2.89 -10.94 11.63
N ALA A 262 -4.03 -11.03 12.30
CA ALA A 262 -4.56 -9.90 13.08
C ALA A 262 -3.51 -9.28 14.03
N TRP A 263 -2.69 -10.14 14.64
CA TRP A 263 -1.60 -9.79 15.53
C TRP A 263 -2.09 -8.78 16.59
N ASP A 264 -1.50 -7.57 16.58
CA ASP A 264 -1.72 -6.57 17.59
C ASP A 264 -3.19 -6.19 17.83
N ALA A 265 -3.99 -6.26 16.77
CA ALA A 265 -5.39 -5.90 16.87
C ALA A 265 -6.14 -6.82 17.89
N LEU A 266 -5.64 -8.04 18.09
CA LEU A 266 -6.26 -8.92 19.05
C LEU A 266 -6.13 -8.44 20.52
N THR A 267 -5.06 -7.74 20.86
CA THR A 267 -4.91 -7.20 22.22
C THR A 267 -6.05 -6.21 22.53
N ALA A 268 -6.28 -5.29 21.59
CA ALA A 268 -7.37 -4.35 21.70
C ALA A 268 -8.70 -5.03 21.72
N ALA A 269 -8.88 -6.04 20.88
CA ALA A 269 -10.14 -6.79 20.86
C ALA A 269 -10.44 -7.37 22.24
N TYR A 270 -9.39 -7.86 22.88
CA TYR A 270 -9.54 -8.50 24.20
C TYR A 270 -10.00 -7.51 25.27
N ILE A 271 -9.44 -6.32 25.21
CA ILE A 271 -9.82 -5.23 26.12
C ILE A 271 -11.30 -4.90 25.93
N LEU A 272 -11.77 -4.89 24.68
CA LEU A 272 -13.19 -4.59 24.37
C LEU A 272 -14.14 -5.73 24.70
N GLU A 273 -13.67 -6.98 24.53
CA GLU A 273 -14.46 -8.19 24.81
C GLU A 273 -13.59 -9.31 25.41
N PRO A 274 -13.50 -9.37 26.75
CA PRO A 274 -12.56 -10.32 27.32
C PRO A 274 -12.96 -11.79 27.20
N THR A 275 -14.19 -12.07 26.75
CA THR A 275 -14.60 -13.46 26.44
C THR A 275 -14.18 -13.94 25.04
N ILE A 276 -13.45 -13.10 24.30
CA ILE A 276 -12.98 -13.45 22.95
C ILE A 276 -12.00 -14.60 22.98
N ALA A 277 -11.33 -14.78 24.11
CA ALA A 277 -10.35 -15.87 24.29
C ALA A 277 -10.39 -16.38 25.69
N THR A 278 -9.93 -17.61 25.87
CA THR A 278 -9.75 -18.17 27.21
C THR A 278 -8.28 -17.95 27.65
N LEU A 279 -8.04 -18.00 28.94
CA LEU A 279 -6.69 -17.77 29.45
C LEU A 279 -6.17 -19.01 30.16
N GLU A 280 -4.91 -19.34 29.87
CA GLU A 280 -4.17 -20.44 30.51
C GLU A 280 -3.06 -19.83 31.37
N PRO A 281 -3.10 -20.04 32.70
CA PRO A 281 -1.93 -19.63 33.47
C PRO A 281 -0.71 -20.50 33.22
N VAL A 282 0.42 -19.87 32.91
CA VAL A 282 1.63 -20.59 32.53
C VAL A 282 2.87 -19.89 33.07
N ALA A 283 3.80 -20.65 33.62
CA ALA A 283 5.15 -20.12 33.97
C ALA A 283 6.04 -20.16 32.72
N LEU A 284 6.70 -19.06 32.43
CA LEU A 284 7.51 -18.98 31.22
C LEU A 284 8.93 -18.73 31.64
N ASP A 285 9.86 -19.17 30.81
CA ASP A 285 11.22 -18.64 30.86
C ASP A 285 11.25 -17.58 29.77
N VAL A 286 12.19 -16.66 29.85
CA VAL A 286 12.50 -15.83 28.70
C VAL A 286 13.99 -16.00 28.46
N ASP A 287 14.36 -16.42 27.25
CA ASP A 287 15.77 -16.62 26.93
C ASP A 287 16.41 -15.29 26.59
N VAL A 288 17.37 -14.85 27.42
CA VAL A 288 18.06 -13.54 27.25
C VAL A 288 19.52 -13.68 26.81
N SER A 289 19.91 -14.92 26.48
CA SER A 289 21.26 -15.26 26.03
C SER A 289 21.50 -14.67 24.67
N LYS A 290 22.75 -14.78 24.19
CA LYS A 290 23.08 -14.40 22.82
C LYS A 290 23.15 -15.58 21.84
N GLY A 291 22.59 -16.72 22.22
CA GLY A 291 22.59 -17.92 21.37
C GLY A 291 21.54 -17.86 20.26
N LYS A 292 21.40 -18.98 19.57
CA LYS A 292 20.41 -19.12 18.49
C LYS A 292 18.95 -19.00 18.97
N SER A 293 18.70 -19.26 20.26
CA SER A 293 17.35 -19.18 20.84
C SER A 293 17.04 -17.89 21.61
N GLU A 294 17.89 -16.88 21.44
CA GLU A 294 17.62 -15.58 22.01
C GLU A 294 16.15 -15.16 21.76
N GLY A 295 15.46 -14.81 22.83
CA GLY A 295 14.11 -14.23 22.77
C GLY A 295 13.03 -15.28 22.84
N ARG A 296 13.41 -16.55 22.94
CA ARG A 296 12.45 -17.63 23.06
C ARG A 296 11.71 -17.51 24.37
N THR A 297 10.43 -17.87 24.36
CA THR A 297 9.60 -17.89 25.58
C THR A 297 9.03 -19.29 25.84
N PRO A 298 9.86 -20.26 26.19
CA PRO A 298 9.33 -21.62 26.40
C PRO A 298 8.68 -21.79 27.77
N ARG A 299 7.88 -22.86 27.93
CA ARG A 299 7.32 -23.19 29.27
C ARG A 299 8.46 -23.43 30.27
N ALA A 300 8.36 -22.90 31.51
CA ALA A 300 9.48 -23.04 32.51
C ALA A 300 9.69 -24.44 33.09
N PRO A 306 6.19 -16.75 38.55
CA PRO A 306 4.79 -16.34 38.46
C PRO A 306 4.12 -16.74 37.14
N CYS A 307 2.80 -16.83 37.19
CA CYS A 307 2.05 -17.28 36.04
C CYS A 307 1.74 -16.06 35.17
N VAL A 308 2.04 -16.21 33.88
CA VAL A 308 1.54 -15.35 32.81
C VAL A 308 0.25 -15.98 32.27
N HIS A 309 -0.70 -15.15 31.84
CA HIS A 309 -2.00 -15.62 31.36
C HIS A 309 -2.10 -15.65 29.84
N VAL A 310 -1.86 -16.82 29.26
CA VAL A 310 -1.67 -16.96 27.80
C VAL A 310 -3.04 -17.13 27.14
N ALA A 311 -3.34 -16.22 26.21
CA ALA A 311 -4.60 -16.27 25.49
C ALA A 311 -4.63 -17.49 24.61
N ARG A 312 -5.76 -18.18 24.65
CA ARG A 312 -5.97 -19.42 23.89
C ARG A 312 -7.28 -19.34 23.13
N ASN A 313 -7.26 -19.86 21.89
CA ASN A 313 -8.47 -20.11 21.15
C ASN A 313 -9.38 -18.91 20.90
N PRO A 314 -8.84 -17.87 20.29
CA PRO A 314 -9.62 -16.63 20.13
C PRO A 314 -10.72 -16.82 19.10
N SER A 315 -11.88 -16.18 19.31
CA SER A 315 -13.01 -16.32 18.36
C SER A 315 -12.78 -15.47 17.11
N LYS A 316 -12.62 -16.12 15.96
CA LYS A 316 -12.50 -15.41 14.67
C LYS A 316 -13.75 -14.57 14.38
N GLN A 317 -14.90 -15.15 14.66
CA GLN A 317 -16.18 -14.47 14.36
C GLN A 317 -16.40 -13.24 15.20
N MET A 318 -16.08 -13.34 16.48
CA MET A 318 -16.18 -12.19 17.37
C MET A 318 -15.19 -11.09 16.96
N PHE A 319 -13.98 -11.47 16.60
CA PHE A 319 -13.02 -10.48 16.14
C PHE A 319 -13.52 -9.75 14.87
N HIS A 320 -13.99 -10.52 13.92
CA HIS A 320 -14.55 -10.00 12.64
C HIS A 320 -15.69 -9.02 12.89
N ASP A 321 -16.63 -9.44 13.71
CA ASP A 321 -17.80 -8.63 14.04
C ASP A 321 -17.42 -7.31 14.72
N LEU A 322 -16.42 -7.38 15.60
CA LEU A 322 -15.92 -6.25 16.36
C LEU A 322 -15.23 -5.26 15.44
N VAL A 323 -14.36 -5.76 14.55
CA VAL A 323 -13.64 -4.85 13.59
C VAL A 323 -14.60 -4.15 12.62
N PHE A 324 -15.52 -4.91 12.03
CA PHE A 324 -16.52 -4.34 11.09
C PHE A 324 -17.50 -3.39 11.74
N ALA A 325 -17.94 -3.68 12.96
CA ALA A 325 -18.80 -2.70 13.66
C ALA A 325 -18.06 -1.40 14.02
N SER A 326 -16.83 -1.54 14.54
CA SER A 326 -16.02 -0.40 14.95
C SER A 326 -15.71 0.51 13.77
N THR A 327 -15.53 -0.07 12.57
CA THR A 327 -15.12 0.73 11.42
C THR A 327 -16.32 1.39 10.69
N ARG A 328 -17.52 1.17 11.22
CA ARG A 328 -18.71 1.92 10.83
C ARG A 328 -19.02 3.06 11.80
N VAL A 329 -18.16 3.27 12.80
CA VAL A 329 -18.37 4.31 13.78
C VAL A 329 -18.28 5.69 13.13
N CYS A 330 -17.32 5.85 12.21
CA CYS A 330 -17.22 7.10 11.41
C CYS A 330 -16.25 6.96 10.26
N MET B 4 -13.88 18.74 -29.50
CA MET B 4 -13.89 17.39 -30.15
C MET B 4 -13.15 16.45 -29.21
N ALA B 5 -13.58 15.16 -29.18
CA ALA B 5 -12.85 14.09 -28.49
C ALA B 5 -12.06 13.18 -29.43
N LYS B 6 -10.85 12.81 -29.00
CA LYS B 6 -10.02 11.84 -29.69
C LYS B 6 -10.43 10.39 -29.36
N THR B 7 -10.50 9.54 -30.37
CA THR B 7 -10.77 8.11 -30.17
C THR B 7 -9.52 7.40 -29.75
N VAL B 8 -9.55 6.76 -28.56
CA VAL B 8 -8.32 6.19 -27.94
C VAL B 8 -8.53 4.75 -27.49
N ILE B 9 -7.46 3.94 -27.59
CA ILE B 9 -7.35 2.65 -26.96
C ILE B 9 -6.16 2.68 -26.03
N LEU B 10 -6.30 2.06 -24.87
CA LEU B 10 -5.20 1.89 -23.94
C LEU B 10 -4.69 0.49 -23.90
N ASP B 11 -3.41 0.33 -24.23
CA ASP B 11 -2.72 -0.96 -24.33
C ASP B 11 -1.69 -0.95 -23.20
N HIS B 12 -2.05 -1.61 -22.08
CA HIS B 12 -1.36 -1.42 -20.80
C HIS B 12 -0.94 -2.73 -20.20
N ASP B 13 -0.14 -2.66 -19.14
CA ASP B 13 0.27 -3.87 -18.42
C ASP B 13 0.11 -3.80 -16.91
N GLY B 14 -0.93 -3.09 -16.46
CA GLY B 14 -1.54 -3.41 -15.16
C GLY B 14 -0.90 -3.04 -13.83
N ASN B 15 -0.03 -2.04 -13.82
CA ASN B 15 0.53 -1.58 -12.59
C ASN B 15 -0.03 -0.18 -12.27
N LYS B 16 0.46 0.41 -11.20
CA LYS B 16 -0.11 1.67 -10.63
C LYS B 16 0.02 2.82 -11.63
N ASP B 17 1.17 2.90 -12.32
CA ASP B 17 1.31 3.92 -13.37
C ASP B 17 0.33 3.74 -14.52
N ASP B 18 0.10 2.49 -14.97
CA ASP B 18 -0.90 2.17 -16.00
C ASP B 18 -2.29 2.63 -15.58
N PHE B 19 -2.65 2.41 -14.32
CA PHE B 19 -3.99 2.78 -13.88
C PHE B 19 -4.20 4.26 -13.67
N VAL B 20 -3.16 4.97 -13.33
CA VAL B 20 -3.23 6.46 -13.29
C VAL B 20 -3.49 6.95 -14.71
N ALA B 21 -2.76 6.39 -15.70
CA ALA B 21 -2.95 6.73 -17.11
C ALA B 21 -4.41 6.48 -17.54
N MET B 22 -4.93 5.29 -17.20
CA MET B 22 -6.31 4.95 -17.46
C MET B 22 -7.31 5.93 -16.88
N ILE B 23 -7.04 6.34 -15.67
CA ILE B 23 -7.95 7.28 -14.94
C ILE B 23 -7.94 8.61 -15.65
N LEU B 24 -6.77 9.06 -16.05
CA LEU B 24 -6.63 10.32 -16.76
C LEU B 24 -7.42 10.35 -18.07
N LEU B 25 -7.35 9.27 -18.83
CA LEU B 25 -8.09 9.14 -20.07
C LEU B 25 -9.59 9.11 -19.79
N LEU B 26 -9.99 8.23 -18.89
CA LEU B 26 -11.41 7.97 -18.75
C LEU B 26 -12.14 9.09 -18.05
N SER B 27 -11.45 9.87 -17.23
CA SER B 27 -12.13 10.97 -16.50
C SER B 27 -12.33 12.25 -17.33
N ASN B 28 -11.90 12.25 -18.59
CA ASN B 28 -11.91 13.40 -19.48
C ASN B 28 -12.65 13.10 -20.83
N PRO B 29 -13.94 12.70 -20.75
CA PRO B 29 -14.71 12.34 -21.96
C PRO B 29 -14.88 13.46 -22.97
N LYS B 30 -14.79 14.70 -22.53
CA LYS B 30 -14.82 15.84 -23.47
C LYS B 30 -13.64 15.80 -24.44
N LYS B 31 -12.49 15.28 -23.98
CA LYS B 31 -11.25 15.19 -24.78
C LYS B 31 -10.93 13.82 -25.33
N VAL B 32 -11.44 12.76 -24.69
CA VAL B 32 -11.03 11.38 -24.98
C VAL B 32 -12.25 10.46 -24.97
N ASN B 33 -12.46 9.73 -26.07
CA ASN B 33 -13.45 8.66 -26.16
C ASN B 33 -12.63 7.36 -26.12
N LEU B 34 -12.66 6.69 -24.97
CA LEU B 34 -11.89 5.47 -24.70
C LEU B 34 -12.71 4.26 -25.12
N ILE B 35 -12.32 3.63 -26.25
CA ILE B 35 -13.11 2.58 -26.91
C ILE B 35 -12.69 1.15 -26.60
N GLY B 36 -11.59 0.99 -25.89
CA GLY B 36 -11.15 -0.33 -25.47
C GLY B 36 -9.89 -0.27 -24.65
N CYS B 37 -9.66 -1.37 -23.93
CA CYS B 37 -8.40 -1.56 -23.20
C CYS B 37 -7.88 -2.95 -23.44
N ILE B 38 -6.55 -3.03 -23.59
CA ILE B 38 -5.83 -4.29 -23.72
C ILE B 38 -4.94 -4.42 -22.50
N CYS B 39 -4.89 -5.59 -21.87
CA CYS B 39 -3.95 -5.85 -20.78
C CYS B 39 -2.97 -6.98 -21.12
N THR B 40 -1.68 -6.73 -20.90
CA THR B 40 -0.58 -7.70 -21.14
C THR B 40 0.10 -8.13 -19.82
N ASP B 41 0.50 -9.40 -19.79
CA ASP B 41 1.05 -10.09 -18.63
C ASP B 41 2.51 -9.73 -18.36
N ALA B 42 2.83 -8.44 -18.34
CA ALA B 42 4.20 -7.93 -18.25
C ALA B 42 4.45 -7.42 -16.82
N ASP B 43 4.18 -6.14 -16.51
CA ASP B 43 4.35 -5.54 -15.14
C ASP B 43 3.17 -5.91 -14.19
N CYS B 44 2.51 -7.05 -14.46
CA CYS B 44 1.39 -7.58 -13.65
C CYS B 44 1.26 -9.04 -13.94
N PHE B 45 0.36 -9.70 -13.20
CA PHE B 45 -0.27 -10.91 -13.63
C PHE B 45 -1.58 -10.51 -14.29
N VAL B 46 -1.73 -10.97 -15.53
CA VAL B 46 -2.77 -10.50 -16.43
C VAL B 46 -4.17 -10.65 -15.88
N GLU B 47 -4.46 -11.70 -15.12
CA GLU B 47 -5.81 -11.83 -14.55
C GLU B 47 -6.19 -10.69 -13.60
N ASN B 48 -5.23 -10.28 -12.75
CA ASN B 48 -5.41 -9.20 -11.79
C ASN B 48 -5.49 -7.88 -12.55
N GLY B 49 -4.61 -7.67 -13.53
CA GLY B 49 -4.67 -6.46 -14.34
C GLY B 49 -6.01 -6.28 -15.08
N PHE B 50 -6.50 -7.40 -15.62
CA PHE B 50 -7.84 -7.47 -16.21
C PHE B 50 -8.98 -7.02 -15.24
N ASP B 51 -9.02 -7.59 -14.07
CA ASP B 51 -10.03 -7.27 -13.06
C ASP B 51 -9.97 -5.80 -12.62
N VAL B 52 -8.78 -5.25 -12.40
CA VAL B 52 -8.69 -3.83 -12.01
C VAL B 52 -9.21 -2.92 -13.12
N THR B 53 -8.85 -3.26 -14.38
CA THR B 53 -9.30 -2.47 -15.54
C THR B 53 -10.84 -2.45 -15.51
N GLY B 54 -11.41 -3.61 -15.29
CA GLY B 54 -12.88 -3.74 -15.26
C GLY B 54 -13.56 -2.94 -14.18
N LYS B 55 -13.00 -2.99 -12.95
CA LYS B 55 -13.56 -2.28 -11.83
C LYS B 55 -13.50 -0.75 -12.02
N ILE B 56 -12.36 -0.24 -12.53
CA ILE B 56 -12.24 1.18 -12.80
C ILE B 56 -13.28 1.62 -13.86
N MET B 57 -13.39 0.84 -14.95
CA MET B 57 -14.40 1.11 -15.99
C MET B 57 -15.82 1.20 -15.40
N CYS B 58 -16.16 0.22 -14.57
CA CYS B 58 -17.49 0.15 -13.98
C CYS B 58 -17.72 1.29 -13.00
N ALA B 59 -16.72 1.66 -12.21
CA ALA B 59 -16.84 2.78 -11.27
C ALA B 59 -17.11 4.13 -11.99
N MET B 60 -16.36 4.37 -13.06
CA MET B 60 -16.55 5.61 -13.82
CA MET B 60 -16.53 5.60 -13.81
C MET B 60 -17.87 5.61 -14.60
N HIS B 61 -18.29 4.47 -15.12
CA HIS B 61 -19.62 4.35 -15.75
C HIS B 61 -20.69 4.77 -14.76
N ARG B 62 -20.59 4.25 -13.54
CA ARG B 62 -21.57 4.54 -12.49
C ARG B 62 -21.62 6.01 -12.09
N LEU B 63 -20.45 6.60 -11.94
CA LEU B 63 -20.31 7.94 -11.36
C LEU B 63 -20.48 9.09 -12.33
N ILE B 64 -19.90 8.95 -13.52
CA ILE B 64 -19.99 9.96 -14.58
C ILE B 64 -20.61 9.52 -15.92
N LYS B 65 -21.12 8.29 -16.02
CA LYS B 65 -21.83 7.83 -17.20
C LYS B 65 -20.90 7.72 -18.43
N THR B 66 -19.61 7.48 -18.22
CA THR B 66 -18.73 7.14 -19.35
C THR B 66 -19.14 5.81 -19.91
N PRO B 67 -19.02 5.64 -21.23
CA PRO B 67 -19.44 4.35 -21.80
C PRO B 67 -18.63 3.19 -21.30
N LEU B 68 -19.26 2.01 -21.31
CA LEU B 68 -18.55 0.74 -21.16
C LEU B 68 -17.79 0.46 -22.44
N PHE B 69 -16.78 -0.40 -22.36
CA PHE B 69 -15.98 -0.74 -23.55
C PHE B 69 -15.42 -2.16 -23.39
N PRO B 70 -15.04 -2.81 -24.51
CA PRO B 70 -14.39 -4.12 -24.41
C PRO B 70 -13.00 -4.05 -23.83
N ILE B 71 -12.67 -5.12 -23.11
CA ILE B 71 -11.37 -5.25 -22.46
C ILE B 71 -10.84 -6.62 -22.86
N GLY B 72 -9.57 -6.71 -23.28
CA GLY B 72 -9.04 -8.00 -23.75
C GLY B 72 -7.69 -8.30 -23.10
N LYS B 73 -7.52 -9.56 -22.66
CA LYS B 73 -6.24 -10.06 -22.17
C LYS B 73 -5.41 -10.53 -23.38
N SER B 74 -4.26 -9.89 -23.56
CA SER B 74 -3.28 -10.32 -24.54
C SER B 74 -2.64 -11.64 -24.12
N THR B 75 -2.34 -12.47 -25.11
CA THR B 75 -1.60 -13.72 -24.88
C THR B 75 -0.13 -13.57 -25.27
N ALA B 76 0.31 -12.35 -25.49
CA ALA B 76 1.75 -12.12 -25.70
C ALA B 76 2.58 -12.66 -24.52
N THR B 77 3.71 -13.27 -24.85
CA THR B 77 4.58 -13.86 -23.83
C THR B 77 5.90 -13.08 -23.79
N ALA B 78 6.49 -13.00 -22.60
CA ALA B 78 7.70 -12.20 -22.40
C ALA B 78 8.93 -12.75 -23.12
N VAL B 79 9.78 -11.87 -23.66
CA VAL B 79 11.16 -12.33 -23.99
C VAL B 79 11.96 -12.35 -22.67
N ASN B 80 11.84 -11.26 -21.92
CA ASN B 80 12.53 -11.05 -20.62
C ASN B 80 11.49 -10.49 -19.62
N ALA B 81 11.10 -11.32 -18.64
CA ALA B 81 10.01 -11.02 -17.75
C ALA B 81 10.36 -9.94 -16.75
N PHE B 82 9.33 -9.21 -16.32
CA PHE B 82 9.52 -8.21 -15.26
C PHE B 82 9.84 -8.95 -13.98
N PRO B 83 10.53 -8.27 -13.05
CA PRO B 83 10.81 -8.94 -11.76
C PRO B 83 9.51 -9.37 -11.07
N THR B 84 9.49 -10.61 -10.57
CA THR B 84 8.27 -11.20 -10.04
C THR B 84 7.64 -10.35 -8.91
N GLU B 85 8.49 -9.86 -8.04
CA GLU B 85 8.08 -9.11 -6.86
C GLU B 85 7.37 -7.80 -7.26
N TRP B 86 7.56 -7.30 -8.49
CA TRP B 86 6.88 -6.07 -8.94
C TRP B 86 5.48 -6.38 -9.47
N ARG B 87 5.22 -7.64 -9.81
CA ARG B 87 4.06 -7.97 -10.66
C ARG B 87 2.77 -8.23 -9.83
N PHE B 88 2.91 -8.28 -8.52
CA PHE B 88 1.78 -8.43 -7.61
C PHE B 88 0.94 -7.17 -7.30
N SER B 89 1.29 -6.03 -7.88
CA SER B 89 0.60 -4.76 -7.52
C SER B 89 -0.89 -4.79 -7.86
N ALA B 90 -1.24 -5.35 -9.02
CA ALA B 90 -2.65 -5.37 -9.44
C ALA B 90 -3.47 -6.19 -8.48
N LYS B 91 -2.90 -7.32 -8.02
CA LYS B 91 -3.55 -8.14 -7.01
C LYS B 91 -3.87 -7.37 -5.74
N ASN B 92 -2.92 -6.55 -5.31
CA ASN B 92 -3.07 -5.72 -4.12
C ASN B 92 -4.17 -4.68 -4.32
N LEU B 93 -4.15 -4.04 -5.48
CA LEU B 93 -5.16 -3.00 -5.80
C LEU B 93 -6.56 -3.60 -5.76
N ASP B 94 -6.71 -4.84 -6.26
CA ASP B 94 -8.05 -5.46 -6.30
C ASP B 94 -8.66 -5.74 -4.92
N ASP B 95 -7.84 -5.70 -3.85
CA ASP B 95 -8.30 -5.80 -2.45
C ASP B 95 -8.66 -4.44 -1.80
N MET B 96 -8.32 -3.31 -2.46
CA MET B 96 -8.47 -1.97 -1.87
C MET B 96 -9.96 -1.65 -1.79
N PRO B 97 -10.37 -0.92 -0.77
CA PRO B 97 -11.82 -0.65 -0.63
C PRO B 97 -12.45 0.18 -1.73
N PHE B 98 -11.69 1.10 -2.31
CA PHE B 98 -12.18 1.91 -3.43
C PHE B 98 -12.40 1.13 -4.72
N LEU B 99 -11.91 -0.13 -4.80
CA LEU B 99 -12.12 -1.03 -5.91
C LEU B 99 -13.07 -2.21 -5.55
N ASN B 100 -13.76 -2.08 -4.43
CA ASN B 100 -14.70 -3.10 -3.98
C ASN B 100 -16.03 -2.49 -3.57
N ILE B 101 -16.32 -1.31 -4.13
CA ILE B 101 -17.63 -0.73 -3.97
C ILE B 101 -18.62 -1.75 -4.55
N VAL B 102 -19.71 -2.05 -3.83
CA VAL B 102 -20.51 -3.23 -4.17
C VAL B 102 -21.15 -3.16 -5.58
N GLU B 103 -21.62 -2.00 -5.99
CA GLU B 103 -22.20 -1.87 -7.34
C GLU B 103 -21.20 -2.17 -8.41
N ASP B 104 -19.93 -1.80 -8.19
CA ASP B 104 -18.90 -1.99 -9.21
C ASP B 104 -18.47 -3.45 -9.33
N VAL B 105 -18.35 -4.10 -8.18
CA VAL B 105 -18.11 -5.54 -8.10
C VAL B 105 -19.18 -6.33 -8.82
N ALA B 106 -20.44 -5.95 -8.57
CA ALA B 106 -21.60 -6.58 -9.18
C ALA B 106 -21.62 -6.40 -10.74
N LEU B 107 -21.41 -5.17 -11.18
CA LEU B 107 -21.43 -4.91 -12.63
C LEU B 107 -20.27 -5.65 -13.33
N TRP B 108 -19.08 -5.60 -12.73
CA TRP B 108 -17.96 -6.36 -13.29
C TRP B 108 -18.21 -7.88 -13.33
N GLU B 109 -18.88 -8.42 -12.33
CA GLU B 109 -19.17 -9.87 -12.36
C GLU B 109 -20.11 -10.20 -13.53
N LYS B 110 -20.96 -9.26 -13.90
CA LYS B 110 -21.81 -9.46 -15.07
C LYS B 110 -21.05 -9.33 -16.41
N LEU B 111 -20.18 -8.33 -16.52
CA LEU B 111 -19.46 -8.02 -17.76
C LEU B 111 -18.20 -8.83 -17.99
N LYS B 112 -17.61 -9.35 -16.91
CA LYS B 112 -16.37 -10.13 -17.06
C LYS B 112 -16.46 -11.29 -18.07
N PRO B 113 -17.50 -12.16 -18.00
CA PRO B 113 -17.54 -13.28 -18.94
C PRO B 113 -17.59 -12.92 -20.42
N GLU B 114 -18.27 -11.83 -20.76
CA GLU B 114 -18.30 -11.34 -22.13
CA GLU B 114 -18.32 -11.31 -22.12
C GLU B 114 -16.92 -10.85 -22.62
N ASN B 115 -16.12 -10.30 -21.73
CA ASN B 115 -14.75 -9.85 -22.03
C ASN B 115 -13.68 -10.96 -22.03
N GLU B 116 -13.91 -12.02 -21.23
CA GLU B 116 -13.04 -13.23 -21.20
C GLU B 116 -12.80 -13.85 -22.60
N ALA B 117 -13.81 -13.79 -23.46
CA ALA B 117 -13.71 -14.33 -24.83
C ALA B 117 -12.75 -13.57 -25.73
N HIS B 118 -12.41 -12.33 -25.38
CA HIS B 118 -11.58 -11.54 -26.26
C HIS B 118 -10.13 -11.98 -26.24
N ASN B 119 -9.52 -12.08 -27.41
CA ASN B 119 -8.06 -12.16 -27.45
C ASN B 119 -7.55 -10.75 -27.57
N GLY B 120 -6.60 -10.34 -26.73
CA GLY B 120 -6.15 -8.95 -26.66
C GLY B 120 -5.56 -8.42 -27.94
N GLN B 121 -4.69 -9.21 -28.56
CA GLN B 121 -4.09 -8.77 -29.82
C GLN B 121 -5.15 -8.53 -30.90
N GLN B 122 -6.04 -9.50 -31.07
CA GLN B 122 -7.13 -9.42 -32.05
C GLN B 122 -8.12 -8.27 -31.81
N LEU B 123 -8.45 -8.05 -30.54
CA LEU B 123 -9.29 -6.93 -30.09
C LEU B 123 -8.64 -5.58 -30.49
N LEU B 124 -7.35 -5.43 -30.26
CA LEU B 124 -6.64 -4.20 -30.67
C LEU B 124 -6.80 -4.03 -32.19
N ALA B 125 -6.55 -5.10 -32.94
CA ALA B 125 -6.66 -5.02 -34.41
C ALA B 125 -8.10 -4.65 -34.82
N ASP B 126 -9.07 -5.36 -34.25
CA ASP B 126 -10.46 -5.19 -34.59
C ASP B 126 -10.98 -3.79 -34.29
N LEU B 127 -10.66 -3.26 -33.09
CA LEU B 127 -11.13 -1.93 -32.69
C LEU B 127 -10.57 -0.86 -33.63
N VAL B 128 -9.27 -0.90 -33.87
CA VAL B 128 -8.64 0.06 -34.79
C VAL B 128 -9.23 -0.04 -36.20
N MET B 129 -9.33 -1.24 -36.73
CA MET B 129 -9.75 -1.45 -38.14
C MET B 129 -11.24 -1.12 -38.44
N LYS B 130 -12.13 -1.28 -37.45
CA LYS B 130 -13.59 -0.96 -37.66
C LYS B 130 -13.96 0.45 -37.28
N SER B 131 -13.05 1.16 -36.61
CA SER B 131 -13.31 2.52 -36.15
C SER B 131 -13.56 3.46 -37.33
N LYS B 132 -14.54 4.34 -37.18
CA LYS B 132 -14.82 5.33 -38.22
C LYS B 132 -13.68 6.37 -38.29
N GLU B 133 -13.31 6.92 -37.15
CA GLU B 133 -12.18 7.84 -37.08
C GLU B 133 -10.89 7.06 -36.92
N LYS B 134 -9.78 7.71 -37.25
CA LYS B 134 -8.47 7.19 -36.90
C LYS B 134 -8.32 7.17 -35.37
N VAL B 135 -7.57 6.20 -34.87
CA VAL B 135 -7.46 5.92 -33.45
C VAL B 135 -6.06 6.24 -32.91
N THR B 136 -6.02 6.84 -31.72
CA THR B 136 -4.74 7.02 -31.02
C THR B 136 -4.55 5.91 -30.02
N VAL B 137 -3.45 5.17 -30.16
CA VAL B 137 -3.15 4.06 -29.26
C VAL B 137 -2.11 4.53 -28.25
N CYS B 138 -2.49 4.41 -26.97
CA CYS B 138 -1.68 4.79 -25.85
C CYS B 138 -1.08 3.50 -25.30
N VAL B 139 0.22 3.34 -25.46
CA VAL B 139 0.94 2.12 -25.08
C VAL B 139 1.78 2.34 -23.84
N THR B 140 1.36 1.73 -22.72
CA THR B 140 2.03 1.93 -21.43
C THR B 140 2.68 0.65 -20.91
N GLY B 141 2.49 -0.44 -21.60
CA GLY B 141 3.33 -1.63 -21.38
C GLY B 141 4.23 -1.85 -22.61
N PRO B 142 4.67 -3.09 -22.80
CA PRO B 142 5.50 -3.44 -23.97
C PRO B 142 4.80 -3.31 -25.35
N LEU B 143 5.60 -3.36 -26.41
CA LEU B 143 5.12 -3.10 -27.78
C LEU B 143 4.61 -4.35 -28.55
N SER B 144 4.48 -5.48 -27.84
CA SER B 144 4.16 -6.74 -28.45
C SER B 144 2.83 -6.75 -29.22
N ASN B 145 1.78 -6.13 -28.67
CA ASN B 145 0.46 -6.17 -29.32
C ASN B 145 0.45 -5.31 -30.59
N MET B 146 1.11 -4.14 -30.54
CA MET B 146 1.21 -3.29 -31.73
C MET B 146 2.00 -4.06 -32.83
N ALA B 147 3.03 -4.77 -32.43
CA ALA B 147 3.87 -5.52 -33.37
C ALA B 147 3.09 -6.68 -34.04
N TRP B 148 2.35 -7.40 -33.22
CA TRP B 148 1.46 -8.44 -33.73
C TRP B 148 0.49 -7.89 -34.78
N CYS B 149 -0.12 -6.74 -34.50
CA CYS B 149 -1.08 -6.16 -35.45
C CYS B 149 -0.43 -5.74 -36.76
N ILE B 150 0.77 -5.19 -36.67
CA ILE B 150 1.52 -4.78 -37.86
C ILE B 150 1.89 -6.02 -38.71
N GLU B 151 2.30 -7.07 -38.02
CA GLU B 151 2.72 -8.31 -38.65
C GLU B 151 1.59 -9.00 -39.42
N LYS B 152 0.44 -9.16 -38.78
CA LYS B 152 -0.73 -9.83 -39.34
C LYS B 152 -1.47 -9.01 -40.38
N TYR B 153 -1.65 -7.72 -40.14
CA TYR B 153 -2.54 -6.89 -40.96
C TYR B 153 -1.85 -5.76 -41.73
N GLY B 154 -0.61 -5.47 -41.37
CA GLY B 154 0.13 -4.39 -42.06
C GLY B 154 -0.67 -3.11 -42.20
N GLU B 155 -0.66 -2.54 -43.40
CA GLU B 155 -1.27 -1.22 -43.67
C GLU B 155 -2.78 -1.12 -43.49
N ALA B 156 -3.45 -2.25 -43.48
CA ALA B 156 -4.90 -2.27 -43.16
C ALA B 156 -5.13 -1.79 -41.72
N PHE B 157 -4.21 -2.14 -40.85
CA PHE B 157 -4.17 -1.66 -39.46
C PHE B 157 -3.55 -0.23 -39.38
N THR B 158 -2.33 -0.07 -39.88
CA THR B 158 -1.57 1.15 -39.59
C THR B 158 -2.26 2.36 -40.23
N SER B 159 -2.92 2.17 -41.35
CA SER B 159 -3.62 3.30 -42.00
C SER B 159 -4.78 3.88 -41.18
N LYS B 160 -5.21 3.17 -40.15
CA LYS B 160 -6.29 3.64 -39.24
C LYS B 160 -5.79 4.11 -37.87
N VAL B 161 -4.47 4.07 -37.68
CA VAL B 161 -3.84 4.61 -36.46
C VAL B 161 -3.55 6.08 -36.76
N GLU B 162 -4.01 6.98 -35.89
CA GLU B 162 -3.68 8.39 -35.96
C GLU B 162 -2.23 8.58 -35.52
N GLU B 163 -1.93 8.10 -34.32
CA GLU B 163 -0.58 8.08 -33.77
C GLU B 163 -0.52 7.11 -32.62
N CYS B 164 0.70 6.73 -32.28
CA CYS B 164 0.98 5.83 -31.18
C CYS B 164 1.80 6.60 -30.17
N VAL B 165 1.28 6.72 -28.95
CA VAL B 165 1.94 7.41 -27.84
C VAL B 165 2.44 6.36 -26.80
N ILE B 166 3.77 6.22 -26.69
CA ILE B 166 4.42 5.09 -26.05
C ILE B 166 5.33 5.45 -24.89
N MET B 167 5.18 4.72 -23.79
CA MET B 167 6.15 4.75 -22.68
CA MET B 167 6.14 4.78 -22.68
C MET B 167 7.24 3.77 -22.95
N GLY B 168 8.45 4.27 -23.17
CA GLY B 168 9.53 3.34 -23.43
C GLY B 168 10.83 3.92 -23.84
N GLY B 169 11.91 3.20 -23.54
CA GLY B 169 13.25 3.65 -23.94
C GLY B 169 14.02 4.60 -23.02
N ALA B 170 15.25 4.87 -23.45
CA ALA B 170 16.16 5.86 -22.85
C ALA B 170 17.21 6.16 -23.94
N VAL B 171 17.22 7.40 -24.37
CA VAL B 171 17.99 7.80 -25.55
C VAL B 171 19.35 8.40 -25.12
N ASP B 172 19.31 9.51 -24.40
CA ASP B 172 20.53 10.24 -23.96
C ASP B 172 20.85 10.01 -22.47
N VAL B 173 19.99 9.27 -21.79
CA VAL B 173 20.20 9.02 -20.38
C VAL B 173 20.32 7.50 -20.15
N GLY B 174 20.81 7.15 -18.95
CA GLY B 174 20.85 5.76 -18.54
C GLY B 174 19.49 5.08 -18.53
N GLY B 175 19.52 3.75 -18.58
CA GLY B 175 18.34 2.91 -18.49
C GLY B 175 17.96 2.58 -17.05
N ASN B 176 17.09 1.58 -16.89
CA ASN B 176 16.63 1.12 -15.60
C ASN B 176 16.52 -0.41 -15.42
N VAL B 177 17.10 -1.16 -16.36
CA VAL B 177 17.09 -2.64 -16.34
C VAL B 177 18.43 -3.06 -15.76
N PHE B 178 18.41 -3.39 -14.45
CA PHE B 178 19.61 -3.73 -13.69
C PHE B 178 19.55 -5.21 -13.29
N LEU B 179 20.29 -6.01 -14.05
CA LEU B 179 20.43 -7.45 -13.83
C LEU B 179 21.88 -7.93 -14.00
N PRO B 180 22.19 -9.13 -13.48
CA PRO B 180 23.58 -9.58 -13.69
C PRO B 180 23.99 -9.71 -15.17
N THR B 181 23.01 -9.87 -16.06
CA THR B 181 23.26 -10.04 -17.49
C THR B 181 23.07 -8.75 -18.34
N THR B 182 22.85 -7.61 -17.67
CA THR B 182 22.70 -6.34 -18.39
C THR B 182 23.65 -5.23 -17.88
N ASP B 183 23.74 -4.17 -18.67
CA ASP B 183 24.65 -3.05 -18.41
C ASP B 183 23.98 -1.79 -17.85
N GLY B 184 22.66 -1.82 -17.75
CA GLY B 184 21.90 -0.69 -17.17
C GLY B 184 21.51 0.38 -18.17
N SER B 185 21.75 0.11 -19.45
CA SER B 185 21.45 1.07 -20.54
C SER B 185 20.02 0.97 -21.09
N ALA B 186 19.33 -0.13 -20.80
CA ALA B 186 18.00 -0.40 -21.37
C ALA B 186 16.87 -0.04 -20.38
N GLU B 187 15.72 0.31 -20.94
CA GLU B 187 14.49 0.57 -20.22
C GLU B 187 13.55 -0.69 -20.31
N TRP B 188 12.78 -0.89 -19.24
CA TRP B 188 11.94 -2.13 -19.07
C TRP B 188 10.92 -2.48 -20.16
N ASN B 189 10.10 -1.52 -20.55
CA ASN B 189 9.12 -1.79 -21.59
C ASN B 189 9.75 -2.32 -22.88
N ILE B 190 10.88 -1.75 -23.26
CA ILE B 190 11.54 -2.21 -24.46
C ILE B 190 12.18 -3.60 -24.24
N TYR B 191 12.88 -3.75 -23.11
CA TYR B 191 13.61 -4.98 -22.72
C TYR B 191 12.67 -6.20 -22.69
N TRP B 192 11.44 -5.98 -22.26
CA TRP B 192 10.45 -7.10 -22.18
C TRP B 192 10.29 -7.84 -23.52
N ASP B 193 10.38 -7.09 -24.63
CA ASP B 193 10.25 -7.63 -25.98
C ASP B 193 10.94 -6.70 -27.04
N PRO B 194 12.27 -6.83 -27.14
CA PRO B 194 12.95 -5.90 -28.02
C PRO B 194 12.59 -6.00 -29.51
N PRO B 195 12.47 -7.21 -30.08
CA PRO B 195 12.06 -7.28 -31.50
C PRO B 195 10.71 -6.62 -31.79
N ALA B 196 9.78 -6.72 -30.85
CA ALA B 196 8.45 -6.05 -31.00
C ALA B 196 8.67 -4.52 -31.10
N ALA B 197 9.55 -4.00 -30.25
CA ALA B 197 9.82 -2.57 -30.22
C ALA B 197 10.45 -2.10 -31.51
N LYS B 198 11.40 -2.90 -32.01
CA LYS B 198 12.04 -2.59 -33.27
C LYS B 198 11.04 -2.55 -34.44
N LYS B 199 10.13 -3.53 -34.48
CA LYS B 199 9.08 -3.63 -35.53
C LYS B 199 8.22 -2.37 -35.54
N VAL B 200 7.82 -1.91 -34.37
CA VAL B 200 6.92 -0.75 -34.25
C VAL B 200 7.67 0.60 -34.42
N LEU B 201 8.77 0.77 -33.73
CA LEU B 201 9.48 2.07 -33.79
C LEU B 201 10.04 2.35 -35.18
N CYS B 202 10.49 1.28 -35.86
CA CYS B 202 11.05 1.40 -37.22
C CYS B 202 10.04 1.39 -38.38
N CYS B 203 8.74 1.30 -38.10
CA CYS B 203 7.73 1.26 -39.15
C CYS B 203 7.43 2.70 -39.62
N PRO B 204 7.84 3.08 -40.84
CA PRO B 204 7.57 4.43 -41.36
C PRO B 204 6.09 4.80 -41.45
N ASN B 205 5.21 3.80 -41.41
CA ASN B 205 3.79 4.05 -41.63
C ASN B 205 3.00 4.31 -40.38
N ILE B 206 3.71 4.38 -39.25
CA ILE B 206 3.10 4.68 -38.00
C ILE B 206 3.90 5.81 -37.35
N ARG B 207 3.15 6.80 -36.87
CA ARG B 207 3.74 7.91 -36.19
C ARG B 207 3.86 7.71 -34.70
N CYS B 208 5.09 7.64 -34.22
CA CYS B 208 5.38 7.29 -32.83
C CYS B 208 5.79 8.56 -32.04
N VAL B 209 5.10 8.78 -30.93
CA VAL B 209 5.46 9.76 -29.90
C VAL B 209 6.00 8.96 -28.71
N LEU B 210 7.27 9.16 -28.37
CA LEU B 210 7.95 8.26 -27.39
C LEU B 210 8.29 9.02 -26.13
N PHE B 211 7.68 8.60 -25.04
CA PHE B 211 8.03 9.10 -23.72
C PHE B 211 9.09 8.17 -23.15
N SER B 212 10.34 8.57 -23.26
CA SER B 212 11.46 7.76 -22.74
C SER B 212 11.87 8.26 -21.37
N LEU B 213 12.84 7.60 -20.72
CA LEU B 213 13.31 8.07 -19.40
C LEU B 213 13.90 9.47 -19.46
N ASP B 214 14.37 9.89 -20.64
CA ASP B 214 14.79 11.28 -20.83
C ASP B 214 13.72 12.26 -20.33
N ALA B 215 12.48 12.02 -20.71
CA ALA B 215 11.33 12.88 -20.29
C ALA B 215 10.80 12.51 -18.93
N THR B 216 10.59 11.22 -18.71
CA THR B 216 9.83 10.80 -17.53
C THR B 216 10.62 11.01 -16.26
N ASN B 217 11.94 10.88 -16.33
CA ASN B 217 12.73 11.08 -15.12
C ASN B 217 12.89 12.53 -14.64
N THR B 218 12.24 13.48 -15.33
CA THR B 218 12.14 14.90 -14.93
C THR B 218 10.81 15.27 -14.20
N VAL B 219 9.93 14.27 -14.04
CA VAL B 219 8.60 14.46 -13.43
C VAL B 219 8.43 13.47 -12.25
N PRO B 220 9.13 13.74 -11.14
CA PRO B 220 9.02 12.86 -10.00
C PRO B 220 7.72 13.06 -9.25
N VAL B 221 7.33 12.03 -8.53
CA VAL B 221 6.17 12.06 -7.68
C VAL B 221 6.69 12.02 -6.24
N ARG B 222 6.55 13.13 -5.53
CA ARG B 222 7.12 13.25 -4.16
C ARG B 222 6.00 13.29 -3.13
N SER B 223 6.34 12.90 -1.90
CA SER B 223 5.45 12.93 -0.76
C SER B 223 4.60 14.19 -0.65
N VAL B 224 5.25 15.35 -0.81
CA VAL B 224 4.57 16.64 -0.65
C VAL B 224 3.39 16.73 -1.62
N ASP B 225 3.56 16.19 -2.81
CA ASP B 225 2.52 16.11 -3.84
C ASP B 225 1.42 15.11 -3.54
N VAL B 226 1.85 13.90 -3.20
CA VAL B 226 0.94 12.80 -2.88
C VAL B 226 -0.01 13.23 -1.75
N LYS B 227 0.52 13.92 -0.75
CA LYS B 227 -0.30 14.36 0.41
C LYS B 227 -1.46 15.30 -0.04
N GLY B 228 -1.27 16.00 -1.16
CA GLY B 228 -2.31 16.85 -1.74
C GLY B 228 -3.66 16.17 -2.02
N PHE B 229 -3.67 14.86 -2.19
CA PHE B 229 -4.92 14.14 -2.44
C PHE B 229 -5.83 14.06 -1.23
N GLY B 230 -5.26 14.25 -0.03
CA GLY B 230 -6.05 14.31 1.19
C GLY B 230 -7.15 15.36 1.13
N ALA B 231 -6.82 16.53 0.57
CA ALA B 231 -7.78 17.63 0.43
C ALA B 231 -8.98 17.24 -0.45
N GLN B 232 -8.81 16.19 -1.25
CA GLN B 232 -9.81 15.74 -2.25
C GLN B 232 -10.38 14.34 -1.93
N ASN B 233 -10.23 13.90 -0.67
CA ASN B 233 -10.54 12.49 -0.31
C ASN B 233 -12.03 12.18 -0.52
N GLN B 234 -12.89 13.20 -0.58
CA GLN B 234 -14.32 12.92 -0.85
C GLN B 234 -14.53 12.33 -2.26
N TYR B 235 -13.59 12.56 -3.17
CA TYR B 235 -13.66 12.02 -4.53
C TYR B 235 -13.02 10.64 -4.65
N LEU B 236 -13.76 9.69 -5.22
CA LEU B 236 -13.24 8.31 -5.38
C LEU B 236 -11.93 8.26 -6.19
N LEU B 237 -11.86 9.04 -7.27
CA LEU B 237 -10.64 9.06 -8.05
C LEU B 237 -9.40 9.59 -7.29
N SER B 238 -9.60 10.52 -6.37
CA SER B 238 -8.52 11.00 -5.49
C SER B 238 -8.11 9.94 -4.44
N GLN B 239 -9.07 9.20 -3.88
CA GLN B 239 -8.75 8.06 -2.99
C GLN B 239 -7.91 7.07 -3.79
N MET B 240 -8.35 6.72 -5.01
CA MET B 240 -7.61 5.82 -5.90
C MET B 240 -6.19 6.32 -6.21
N VAL B 241 -6.07 7.52 -6.79
CA VAL B 241 -4.74 8.00 -7.25
C VAL B 241 -3.83 8.31 -6.04
N GLY B 242 -4.38 8.94 -4.99
CA GLY B 242 -3.62 9.16 -3.78
C GLY B 242 -3.01 7.88 -3.21
N THR B 243 -3.85 6.85 -3.10
CA THR B 243 -3.41 5.59 -2.54
C THR B 243 -2.36 4.96 -3.45
N MET B 244 -2.61 4.94 -4.76
CA MET B 244 -1.67 4.36 -5.70
C MET B 244 -0.33 5.08 -5.68
N TRP B 245 -0.36 6.40 -5.71
CA TRP B 245 0.92 7.12 -5.61
C TRP B 245 1.60 6.96 -4.26
N ALA B 246 0.85 6.85 -3.16
CA ALA B 246 1.45 6.60 -1.86
C ALA B 246 2.23 5.26 -1.91
N MET B 247 1.56 4.26 -2.45
CA MET B 247 2.13 2.91 -2.61
CA MET B 247 2.13 2.92 -2.63
C MET B 247 3.41 2.95 -3.51
N SER B 248 3.34 3.75 -4.58
CA SER B 248 4.43 3.88 -5.53
C SER B 248 5.66 4.54 -4.93
N THR B 249 5.46 5.62 -4.17
CA THR B 249 6.59 6.31 -3.57
C THR B 249 7.26 5.39 -2.55
N HIS B 250 6.44 4.57 -1.87
CA HIS B 250 6.94 3.56 -0.90
C HIS B 250 7.86 2.57 -1.59
N GLU B 251 7.41 2.07 -2.74
CA GLU B 251 8.19 1.07 -3.53
C GLU B 251 9.58 1.62 -3.86
N GLU B 252 9.63 2.89 -4.28
CA GLU B 252 10.96 3.45 -4.58
C GLU B 252 11.84 3.70 -3.38
N ILE B 253 11.24 3.99 -2.21
CA ILE B 253 12.03 3.99 -0.98
C ILE B 253 12.67 2.63 -0.70
N LEU B 254 11.86 1.58 -0.76
CA LEU B 254 12.33 0.21 -0.47
C LEU B 254 13.44 -0.18 -1.46
N ARG B 255 13.25 0.17 -2.72
CA ARG B 255 14.12 -0.26 -3.84
C ARG B 255 15.31 0.75 -4.08
N ASP B 256 15.41 1.76 -3.24
CA ASP B 256 16.50 2.71 -3.28
C ASP B 256 16.54 3.52 -4.59
N GLY B 257 15.38 3.75 -5.17
CA GLY B 257 15.33 4.58 -6.38
C GLY B 257 15.46 6.03 -5.99
N ASP B 258 15.94 6.86 -6.93
CA ASP B 258 16.07 8.31 -6.66
C ASP B 258 14.70 8.94 -6.43
N ALA B 259 13.70 8.41 -7.13
CA ALA B 259 12.31 8.83 -6.97
C ALA B 259 11.36 7.87 -7.68
N TYR B 260 10.08 7.91 -7.30
CA TYR B 260 9.05 7.41 -8.16
C TYR B 260 8.73 8.48 -9.18
N TYR B 261 8.46 8.02 -10.42
CA TYR B 261 8.22 8.89 -11.52
C TYR B 261 6.84 8.68 -12.10
N ALA B 262 6.32 9.75 -12.66
CA ALA B 262 5.01 9.71 -13.33
C ALA B 262 4.90 8.56 -14.32
N TRP B 263 5.98 8.31 -15.08
CA TRP B 263 6.04 7.24 -16.10
C TRP B 263 4.78 7.21 -17.00
N ASP B 264 4.07 6.07 -17.02
CA ASP B 264 2.93 5.90 -17.92
C ASP B 264 1.91 6.99 -17.91
N ALA B 265 1.73 7.65 -16.78
CA ALA B 265 0.75 8.72 -16.66
C ALA B 265 1.04 9.91 -17.60
N LEU B 266 2.29 10.10 -17.96
CA LEU B 266 2.66 11.13 -18.94
C LEU B 266 2.18 10.91 -20.37
N THR B 267 2.03 9.67 -20.80
CA THR B 267 1.50 9.40 -22.15
C THR B 267 0.06 9.88 -22.27
N ALA B 268 -0.73 9.52 -21.27
CA ALA B 268 -2.12 9.98 -21.18
C ALA B 268 -2.17 11.51 -21.03
N ALA B 269 -1.27 12.08 -20.23
CA ALA B 269 -1.23 13.54 -20.09
C ALA B 269 -1.03 14.20 -21.47
N TYR B 270 -0.16 13.60 -22.27
CA TYR B 270 0.21 14.14 -23.58
C TYR B 270 -0.99 14.12 -24.52
N ILE B 271 -1.74 13.02 -24.49
CA ILE B 271 -2.96 12.89 -25.30
C ILE B 271 -4.00 13.99 -24.92
N LEU B 272 -4.09 14.32 -23.64
CA LEU B 272 -5.00 15.35 -23.14
C LEU B 272 -4.48 16.76 -23.47
N GLU B 273 -3.16 16.94 -23.37
CA GLU B 273 -2.56 18.25 -23.61
C GLU B 273 -1.25 18.08 -24.35
N PRO B 274 -1.29 18.09 -25.69
CA PRO B 274 -0.03 17.88 -26.42
C PRO B 274 1.08 18.92 -26.20
N THR B 275 0.76 20.11 -25.70
CA THR B 275 1.81 21.11 -25.44
C THR B 275 2.56 20.82 -24.12
N ILE B 276 2.22 19.72 -23.44
CA ILE B 276 2.89 19.37 -22.17
C ILE B 276 4.37 19.10 -22.37
N ALA B 277 4.76 18.75 -23.61
CA ALA B 277 6.15 18.47 -23.91
C ALA B 277 6.42 18.89 -25.33
N THR B 278 7.68 19.12 -25.64
CA THR B 278 8.11 19.36 -27.03
C THR B 278 8.60 18.02 -27.63
N LEU B 279 8.61 17.94 -28.95
CA LEU B 279 9.02 16.68 -29.61
C LEU B 279 10.27 16.87 -30.47
N GLU B 280 11.23 15.96 -30.30
CA GLU B 280 12.45 15.93 -31.12
C GLU B 280 12.41 14.74 -32.08
N PRO B 281 12.46 14.99 -33.42
CA PRO B 281 12.55 13.86 -34.30
C PRO B 281 13.92 13.18 -34.22
N VAL B 282 13.92 11.88 -33.97
CA VAL B 282 15.16 11.14 -33.78
C VAL B 282 15.10 9.76 -34.43
N ALA B 283 16.17 9.40 -35.16
CA ALA B 283 16.36 8.04 -35.65
C ALA B 283 16.98 7.20 -34.54
N LEU B 284 16.36 6.07 -34.22
CA LEU B 284 16.81 5.22 -33.13
C LEU B 284 17.24 3.87 -33.71
N ASP B 285 18.15 3.22 -33.02
CA ASP B 285 18.37 1.81 -33.19
C ASP B 285 17.65 1.18 -32.03
N VAL B 286 17.29 -0.07 -32.18
CA VAL B 286 16.83 -0.87 -31.05
C VAL B 286 17.72 -2.08 -31.04
N ASP B 287 18.34 -2.32 -29.88
CA ASP B 287 19.24 -3.42 -29.74
C ASP B 287 18.42 -4.65 -29.39
N VAL B 288 18.39 -5.60 -30.31
CA VAL B 288 17.64 -6.85 -30.15
C VAL B 288 18.57 -8.05 -29.93
N SER B 289 19.88 -7.82 -29.75
CA SER B 289 20.86 -8.87 -29.46
C SER B 289 20.66 -9.49 -28.07
N LYS B 290 21.40 -10.57 -27.81
CA LYS B 290 21.39 -11.17 -26.47
C LYS B 290 22.54 -10.70 -25.55
N GLY B 291 23.19 -9.61 -25.94
CA GLY B 291 24.30 -9.06 -25.17
C GLY B 291 23.87 -8.26 -23.94
N LYS B 292 24.86 -7.65 -23.29
CA LYS B 292 24.61 -6.81 -22.11
C LYS B 292 23.70 -5.60 -22.41
N SER B 293 23.69 -5.15 -23.68
CA SER B 293 22.90 -3.96 -24.07
C SER B 293 21.52 -4.27 -24.69
N GLU B 294 21.09 -5.53 -24.56
CA GLU B 294 19.77 -5.91 -25.05
C GLU B 294 18.71 -4.89 -24.64
N GLY B 295 17.96 -4.42 -25.62
CA GLY B 295 16.83 -3.52 -25.34
C GLY B 295 17.18 -2.01 -25.35
N ARG B 296 18.44 -1.70 -25.52
CA ARG B 296 18.89 -0.33 -25.56
C ARG B 296 18.29 0.39 -26.79
N THR B 297 17.97 1.68 -26.63
CA THR B 297 17.47 2.49 -27.74
C THR B 297 18.41 3.71 -28.02
N PRO B 298 19.62 3.46 -28.52
CA PRO B 298 20.56 4.59 -28.76
C PRO B 298 20.23 5.34 -30.06
N ARG B 299 20.73 6.57 -30.17
CA ARG B 299 20.59 7.34 -31.41
C ARG B 299 21.22 6.54 -32.54
N ALA B 300 20.58 6.46 -33.72
CA ALA B 300 21.13 5.67 -34.84
C ALA B 300 22.38 6.32 -35.47
N PRO B 306 13.50 5.85 -40.20
CA PRO B 306 12.46 6.84 -39.92
C PRO B 306 12.62 7.51 -38.53
N CYS B 307 12.06 8.70 -38.42
CA CYS B 307 12.16 9.47 -37.19
C CYS B 307 11.02 9.07 -36.22
N VAL B 308 11.42 8.72 -35.00
CA VAL B 308 10.55 8.65 -33.84
C VAL B 308 10.54 10.06 -33.22
N HIS B 309 9.43 10.46 -32.62
CA HIS B 309 9.30 11.79 -32.00
C HIS B 309 9.43 11.69 -30.49
N VAL B 310 10.62 12.06 -29.98
CA VAL B 310 10.94 11.84 -28.57
C VAL B 310 10.53 13.04 -27.76
N ALA B 311 9.70 12.77 -26.74
CA ALA B 311 9.24 13.83 -25.82
C ALA B 311 10.40 14.45 -25.02
N ARG B 312 10.39 15.77 -24.96
CA ARG B 312 11.41 16.49 -24.25
C ARG B 312 10.82 17.51 -23.31
N ASN B 313 11.38 17.60 -22.12
CA ASN B 313 11.06 18.76 -21.29
C ASN B 313 9.62 18.94 -20.84
N PRO B 314 9.03 17.90 -20.27
CA PRO B 314 7.60 17.96 -19.92
C PRO B 314 7.36 18.91 -18.76
N SER B 315 6.23 19.62 -18.82
CA SER B 315 5.86 20.57 -17.77
C SER B 315 5.37 19.87 -16.50
N LYS B 316 6.12 19.98 -15.42
CA LYS B 316 5.66 19.43 -14.15
C LYS B 316 4.37 20.08 -13.62
N GLN B 317 4.26 21.39 -13.81
CA GLN B 317 3.07 22.12 -13.33
C GLN B 317 1.82 21.73 -14.12
N MET B 318 1.95 21.59 -15.44
CA MET B 318 0.82 21.15 -16.28
CA MET B 318 0.81 21.15 -16.29
C MET B 318 0.38 19.74 -15.91
N PHE B 319 1.35 18.85 -15.73
CA PHE B 319 1.05 17.50 -15.31
C PHE B 319 0.31 17.48 -13.98
N HIS B 320 0.82 18.21 -13.00
CA HIS B 320 0.21 18.29 -11.66
C HIS B 320 -1.22 18.81 -11.74
N ASP B 321 -1.39 19.88 -12.50
CA ASP B 321 -2.70 20.52 -12.63
C ASP B 321 -3.72 19.57 -13.25
N LEU B 322 -3.28 18.84 -14.26
CA LEU B 322 -4.10 17.89 -14.98
C LEU B 322 -4.53 16.72 -14.11
N VAL B 323 -3.58 16.17 -13.35
CA VAL B 323 -3.89 15.06 -12.46
C VAL B 323 -4.87 15.47 -11.35
N PHE B 324 -4.62 16.61 -10.72
CA PHE B 324 -5.51 17.09 -9.66
C PHE B 324 -6.89 17.45 -10.17
N ALA B 325 -6.97 18.08 -11.34
CA ALA B 325 -8.30 18.42 -11.91
C ALA B 325 -9.08 17.14 -12.21
N SER B 326 -8.42 16.19 -12.86
CA SER B 326 -9.01 14.93 -13.26
C SER B 326 -9.56 14.09 -12.10
N THR B 327 -8.85 14.10 -10.99
CA THR B 327 -9.24 13.33 -9.80
C THR B 327 -10.32 14.00 -8.90
N ARG B 328 -10.78 15.20 -9.27
CA ARG B 328 -11.96 15.87 -8.70
C ARG B 328 -13.22 15.62 -9.56
N VAL B 329 -13.09 14.80 -10.61
CA VAL B 329 -14.19 14.55 -11.52
C VAL B 329 -15.28 13.68 -10.86
N CYS B 330 -14.84 12.69 -10.06
CA CYS B 330 -15.75 11.92 -9.20
C CYS B 330 -14.96 11.11 -8.17
#